data_4FN0
#
_entry.id   4FN0
#
_cell.length_a   117.022
_cell.length_b   117.022
_cell.length_c   158.467
_cell.angle_alpha   90.00
_cell.angle_beta   90.00
_cell.angle_gamma   120.00
#
_symmetry.space_group_name_H-M   'P 31 2 1'
#
loop_
_entity.id
_entity.type
_entity.pdbx_description
1 polymer 'Poliovirus receptor-related protein 2'
2 branched beta-D-mannopyranose-(1-4)-2-acetamido-2-deoxy-beta-D-glucopyranose-(1-4)-[alpha-L-fucopyranose-(1-6)]2-acetamido-2-deoxy-beta-D-glucopyranose
3 non-polymer 2-acetamido-2-deoxy-beta-D-glucopyranose
4 water water
#
_entity_poly.entity_id   1
_entity_poly.type   'polypeptide(L)'
_entity_poly.pdbx_seq_one_letter_code
;QDVRVRVLPEVRGRLGGTVELPCHLLPPTTERVSQVTWQRLDGTVVAAFHPSFGVDFPNSQFSKDRLSFVRARPETNADL
RDATLAFRGLRVEDEGNYTCEFATFPNGTRRGVTWLRVIAQPENHAEAQEVTIGPQSVAVARCVSTGGRPPARITWISSL
GGEAKDTQEPGIQAGTVTIISRYSLVPVGRADGVKVTCRVEHESFEEPILLPVTLSVRYHHHHHH
;
_entity_poly.pdbx_strand_id   A,B,C
#
# COMPACT_ATOMS: atom_id res chain seq x y z
N GLN A 1 56.19 11.22 27.00
CA GLN A 1 56.05 11.90 25.67
C GLN A 1 57.33 12.69 25.34
N ASP A 2 58.23 11.95 24.69
CA ASP A 2 59.65 12.32 24.55
C ASP A 2 59.92 13.02 23.21
N VAL A 3 60.78 14.03 23.24
CA VAL A 3 61.05 14.85 22.05
C VAL A 3 61.90 14.11 21.03
N ARG A 4 62.74 13.19 21.51
CA ARG A 4 63.67 12.40 20.66
C ARG A 4 63.00 11.26 19.91
N VAL A 5 61.76 10.99 20.24
CA VAL A 5 60.91 10.22 19.37
C VAL A 5 60.04 11.13 18.58
N ARG A 6 60.21 11.09 17.27
CA ARG A 6 59.43 11.97 16.40
C ARG A 6 58.22 11.25 15.83
N VAL A 7 57.05 11.81 16.11
CA VAL A 7 55.84 11.35 15.42
C VAL A 7 54.94 12.51 15.10
N LEU A 8 53.82 12.19 14.47
CA LEU A 8 52.80 13.21 14.15
C LEU A 8 51.63 13.04 15.08
N PRO A 9 51.18 14.12 15.71
CA PRO A 9 50.11 14.11 16.67
C PRO A 9 48.85 13.54 16.12
N GLU A 10 48.55 13.96 14.91
CA GLU A 10 47.32 13.57 14.26
C GLU A 10 47.62 12.94 12.90
N VAL A 11 46.75 12.06 12.49
CA VAL A 11 46.86 11.46 11.15
C VAL A 11 45.53 10.93 10.69
N ARG A 12 45.15 11.24 9.47
CA ARG A 12 43.80 10.94 9.04
C ARG A 12 43.86 10.00 7.87
N GLY A 13 42.89 9.12 7.87
CA GLY A 13 42.79 8.13 6.82
C GLY A 13 41.35 7.79 6.48
N ARG A 14 41.15 7.50 5.20
CA ARG A 14 39.82 7.23 4.67
C ARG A 14 39.32 5.90 5.12
N LEU A 15 38.05 5.86 5.45
CA LEU A 15 37.43 4.61 5.78
C LEU A 15 37.75 3.64 4.67
N GLY A 16 38.19 2.46 5.07
CA GLY A 16 38.56 1.39 4.11
C GLY A 16 39.79 1.69 3.27
N GLY A 17 40.48 2.74 3.67
CA GLY A 17 41.68 3.17 2.98
C GLY A 17 42.90 2.83 3.77
N THR A 18 43.95 3.63 3.53
CA THR A 18 45.27 3.36 4.09
C THR A 18 45.92 4.61 4.70
N VAL A 19 46.72 4.38 5.72
CA VAL A 19 47.57 5.44 6.31
C VAL A 19 48.84 4.89 6.77
N GLU A 20 49.87 5.73 6.71
CA GLU A 20 51.14 5.45 7.37
C GLU A 20 51.23 6.38 8.59
N LEU A 21 51.69 5.81 9.70
CA LEU A 21 51.95 6.54 10.97
C LEU A 21 53.43 6.59 11.18
N PRO A 22 53.99 7.77 11.13
CA PRO A 22 55.42 7.74 11.12
C PRO A 22 55.93 7.89 12.53
N CYS A 23 57.10 7.33 12.72
CA CYS A 23 57.75 7.29 14.02
C CYS A 23 59.25 7.05 13.89
N HIS A 24 60.00 7.99 14.43
CA HIS A 24 61.44 7.90 14.36
C HIS A 24 62.12 8.29 15.60
N LEU A 25 63.15 7.54 15.94
CA LEU A 25 64.08 7.96 16.94
C LEU A 25 65.10 8.87 16.30
N LEU A 26 65.16 10.08 16.77
CA LEU A 26 65.97 11.08 16.10
C LEU A 26 67.43 10.93 16.48
N PRO A 27 68.34 11.10 15.49
CA PRO A 27 69.73 11.09 15.83
C PRO A 27 70.07 12.43 16.42
N PRO A 28 71.34 12.63 16.82
CA PRO A 28 72.40 11.64 16.89
C PRO A 28 71.95 10.28 17.39
N THR A 29 72.54 9.27 16.81
CA THR A 29 72.29 7.88 17.18
C THR A 29 73.32 7.51 18.25
N THR A 30 72.90 7.70 19.50
CA THR A 30 73.79 7.56 20.68
C THR A 30 73.35 6.47 21.67
N GLU A 31 72.45 5.62 21.22
CA GLU A 31 71.90 4.54 22.02
C GLU A 31 71.57 3.38 21.14
N ARG A 32 71.69 2.17 21.61
CA ARG A 32 71.23 1.05 20.81
C ARG A 32 69.73 0.91 20.94
N VAL A 33 69.06 0.42 19.91
CA VAL A 33 67.62 0.12 20.03
C VAL A 33 67.37 -1.34 20.25
N SER A 34 66.50 -1.62 21.19
CA SER A 34 66.33 -3.00 21.69
C SER A 34 65.19 -3.65 21.06
N GLN A 35 64.12 -2.89 20.98
CA GLN A 35 62.87 -3.33 20.32
C GLN A 35 61.85 -2.21 20.22
N VAL A 36 60.94 -2.35 19.26
CA VAL A 36 59.94 -1.30 19.00
C VAL A 36 58.56 -1.88 19.12
N THR A 37 57.70 -1.17 19.82
CA THR A 37 56.31 -1.61 20.02
C THR A 37 55.34 -0.48 19.87
N TRP A 38 54.30 -0.78 19.09
CA TRP A 38 53.17 0.10 18.90
C TRP A 38 52.04 -0.43 19.70
N GLN A 39 51.64 0.39 20.64
CA GLN A 39 50.52 0.06 21.53
C GLN A 39 49.40 1.02 21.35
N ARG A 40 48.22 0.50 21.52
CA ARG A 40 47.08 1.35 21.73
C ARG A 40 47.11 1.85 23.15
N LEU A 41 46.29 2.83 23.40
CA LEU A 41 46.06 3.29 24.75
C LEU A 41 45.65 2.20 25.74
N ASP A 42 44.73 1.33 25.37
CA ASP A 42 44.26 0.33 26.35
C ASP A 42 45.45 -0.39 26.90
N GLY A 43 46.46 -0.44 26.07
CA GLY A 43 47.69 -1.18 26.36
C GLY A 43 47.98 -2.21 25.28
N THR A 44 46.88 -2.58 24.62
CA THR A 44 46.90 -3.65 23.63
C THR A 44 47.96 -3.35 22.60
N VAL A 45 48.82 -4.35 22.39
CA VAL A 45 49.91 -4.21 21.41
C VAL A 45 49.38 -4.52 20.04
N VAL A 46 49.78 -3.66 19.14
CA VAL A 46 49.23 -3.65 17.79
C VAL A 46 50.22 -4.26 16.79
N ALA A 47 51.42 -3.71 16.85
CA ALA A 47 52.58 -4.23 16.15
C ALA A 47 53.85 -4.16 17.00
N ALA A 48 54.74 -5.14 16.80
CA ALA A 48 56.00 -5.19 17.51
C ALA A 48 57.13 -5.60 16.61
N PHE A 49 58.24 -4.90 16.76
CA PHE A 49 59.47 -5.28 16.08
C PHE A 49 60.70 -5.51 16.96
N HIS A 50 61.34 -6.66 16.74
CA HIS A 50 62.58 -7.07 17.45
C HIS A 50 63.69 -7.58 16.58
N PRO A 51 64.86 -7.02 16.76
CA PRO A 51 65.95 -7.28 15.88
C PRO A 51 66.34 -8.71 15.74
N SER A 52 66.07 -9.53 16.74
CA SER A 52 66.37 -10.98 16.64
C SER A 52 65.15 -11.83 16.38
N PHE A 53 64.09 -11.50 17.08
CA PHE A 53 62.90 -12.32 17.10
C PHE A 53 62.03 -11.94 15.93
N GLY A 54 62.29 -10.78 15.37
CA GLY A 54 61.52 -10.31 14.19
C GLY A 54 60.29 -9.45 14.46
N VAL A 55 59.26 -9.69 13.67
CA VAL A 55 58.07 -8.86 13.72
C VAL A 55 56.92 -9.66 14.24
N ASP A 56 55.95 -8.95 14.81
CA ASP A 56 54.70 -9.58 15.25
C ASP A 56 53.59 -8.57 15.31
N PHE A 57 52.40 -9.02 15.01
CA PHE A 57 51.21 -8.17 15.16
C PHE A 57 50.11 -8.89 15.97
N PRO A 58 50.38 -9.16 17.23
CA PRO A 58 49.73 -10.20 17.97
C PRO A 58 48.23 -10.08 18.15
N ASN A 59 47.70 -8.89 18.00
CA ASN A 59 46.23 -8.76 18.11
C ASN A 59 45.43 -9.22 16.85
N SER A 60 44.57 -10.20 17.07
CA SER A 60 43.67 -10.70 16.01
C SER A 60 42.92 -9.58 15.28
N GLN A 61 42.87 -8.42 15.90
CA GLN A 61 42.03 -7.34 15.38
C GLN A 61 42.78 -6.48 14.44
N PHE A 62 44.08 -6.46 14.63
CA PHE A 62 45.06 -5.66 13.82
C PHE A 62 46.07 -6.60 13.24
N SER A 63 45.60 -7.49 12.43
CA SER A 63 46.46 -8.55 11.98
C SER A 63 47.40 -8.11 10.88
N LYS A 64 48.38 -8.97 10.66
CA LYS A 64 49.43 -8.77 9.66
C LYS A 64 48.88 -8.44 8.27
N ASP A 65 47.64 -8.84 7.99
CA ASP A 65 47.04 -8.48 6.68
C ASP A 65 46.90 -7.01 6.55
N ARG A 66 46.71 -6.34 7.64
CA ARG A 66 46.44 -4.90 7.56
C ARG A 66 47.64 -4.08 8.01
N LEU A 67 48.37 -4.61 8.98
CA LEU A 67 49.47 -3.82 9.51
C LEU A 67 50.82 -4.26 9.00
N SER A 68 51.73 -3.31 8.97
CA SER A 68 53.07 -3.52 8.42
C SER A 68 53.97 -2.36 8.74
N PHE A 69 55.24 -2.65 8.88
CA PHE A 69 56.22 -1.55 9.01
C PHE A 69 56.77 -1.18 7.65
N VAL A 70 56.90 0.11 7.44
CA VAL A 70 57.38 0.62 6.19
C VAL A 70 58.84 0.40 6.06
N ARG A 71 59.49 0.28 7.21
CA ARG A 71 60.94 0.09 7.25
C ARG A 71 61.36 -0.72 6.04
N ALA A 72 62.36 -0.20 5.33
CA ALA A 72 62.72 -0.66 3.98
C ALA A 72 64.01 -1.46 3.92
N ARG A 73 64.83 -1.34 4.97
CA ARG A 73 66.23 -1.83 4.94
C ARG A 73 66.26 -3.33 4.53
N PRO A 74 67.31 -3.77 3.82
CA PRO A 74 67.51 -5.17 3.40
C PRO A 74 67.77 -6.19 4.52
N GLU A 75 66.84 -6.24 5.47
CA GLU A 75 66.85 -7.23 6.61
C GLU A 75 67.84 -6.86 7.73
N THR A 76 68.75 -5.94 7.41
CA THR A 76 69.88 -5.57 8.30
C THR A 76 70.27 -4.09 8.21
N ASN A 77 69.44 -3.21 8.78
CA ASN A 77 69.94 -1.83 9.09
C ASN A 77 70.75 -1.87 10.39
N ALA A 78 71.92 -1.25 10.36
CA ALA A 78 72.82 -1.18 11.54
C ALA A 78 72.06 -0.65 12.78
N ASP A 79 70.94 0.03 12.54
CA ASP A 79 69.95 0.31 13.60
C ASP A 79 68.60 0.80 13.08
N LEU A 80 67.56 0.31 13.74
CA LEU A 80 66.17 0.43 13.28
C LEU A 80 65.42 1.55 13.97
N ARG A 81 65.72 2.72 13.49
CA ARG A 81 65.35 3.95 14.17
C ARG A 81 64.06 4.49 13.63
N ASP A 82 63.75 4.08 12.41
CA ASP A 82 62.48 4.39 11.78
C ASP A 82 61.54 3.22 11.99
N ALA A 83 60.38 3.56 12.56
CA ALA A 83 59.41 2.62 13.11
C ALA A 83 58.04 2.84 12.52
N THR A 84 58.03 3.35 11.30
CA THR A 84 56.78 3.86 10.68
C THR A 84 55.80 2.73 10.39
N LEU A 85 54.56 2.95 10.78
CA LEU A 85 53.55 1.90 10.75
C LEU A 85 52.44 2.17 9.76
N ALA A 86 52.32 1.25 8.83
CA ALA A 86 51.27 1.31 7.85
C ALA A 86 50.03 0.46 8.21
N PHE A 87 48.90 1.11 7.99
CA PHE A 87 47.57 0.53 8.10
C PHE A 87 46.97 0.42 6.74
N ARG A 88 46.22 -0.64 6.52
CA ARG A 88 45.32 -0.67 5.36
C ARG A 88 43.97 -1.31 5.67
N GLY A 89 43.03 -1.03 4.80
CA GLY A 89 41.64 -1.36 5.09
C GLY A 89 41.22 -0.80 6.44
N LEU A 90 41.27 0.52 6.50
CA LEU A 90 41.02 1.22 7.74
C LEU A 90 39.63 0.95 8.21
N ARG A 91 39.51 0.75 9.50
CA ARG A 91 38.21 0.59 10.16
C ARG A 91 37.95 1.76 11.09
N VAL A 92 36.68 2.15 11.21
CA VAL A 92 36.20 3.07 12.28
C VAL A 92 36.74 2.67 13.63
N GLU A 93 36.92 1.37 13.76
CA GLU A 93 37.35 0.79 15.01
C GLU A 93 38.80 1.12 15.30
N ASP A 94 39.53 1.52 14.26
CA ASP A 94 41.00 1.87 14.39
C ASP A 94 41.26 3.29 14.79
N GLU A 95 40.22 4.10 14.74
CA GLU A 95 40.33 5.44 15.26
C GLU A 95 40.85 5.26 16.65
N GLY A 96 41.99 5.80 16.92
CA GLY A 96 42.55 5.65 18.25
C GLY A 96 43.83 6.45 18.45
N ASN A 97 44.35 6.35 19.66
CA ASN A 97 45.63 6.93 19.98
C ASN A 97 46.70 5.88 20.03
N TYR A 98 47.63 6.01 19.15
CA TYR A 98 48.67 5.01 19.07
C TYR A 98 50.01 5.58 19.58
N THR A 99 50.76 4.68 20.19
CA THR A 99 51.94 5.01 20.95
C THR A 99 53.08 4.23 20.47
N CYS A 100 54.10 4.97 20.06
CA CYS A 100 55.25 4.36 19.43
C CYS A 100 56.31 4.33 20.45
N GLU A 101 56.81 3.15 20.76
CA GLU A 101 57.74 3.02 21.88
C GLU A 101 59.03 2.29 21.49
N PHE A 102 60.12 2.96 21.75
CA PHE A 102 61.42 2.41 21.51
C PHE A 102 62.00 2.01 22.84
N ALA A 103 62.30 0.74 22.96
CA ALA A 103 63.09 0.25 24.07
C ALA A 103 64.54 0.54 23.71
N THR A 104 65.13 1.50 24.34
CA THR A 104 66.54 1.75 24.04
C THR A 104 67.39 1.19 25.15
N PHE A 105 68.67 1.10 24.87
CA PHE A 105 69.63 0.60 25.84
C PHE A 105 70.87 1.46 25.86
N PRO A 106 71.35 1.82 27.04
CA PRO A 106 70.93 1.60 28.40
C PRO A 106 70.00 2.68 28.90
N ASN A 107 69.35 3.28 27.96
CA ASN A 107 68.79 4.61 28.17
C ASN A 107 67.34 4.57 28.65
N GLY A 108 66.68 3.45 28.44
CA GLY A 108 65.29 3.32 28.83
C GLY A 108 64.41 3.37 27.62
N THR A 109 63.13 3.55 27.84
CA THR A 109 62.19 3.63 26.71
C THR A 109 61.76 5.04 26.44
N ARG A 110 61.70 5.36 25.18
CA ARG A 110 61.16 6.64 24.75
C ARG A 110 59.95 6.37 23.90
N ARG A 111 58.98 7.27 24.04
CA ARG A 111 57.76 7.19 23.24
C ARG A 111 57.18 8.49 22.75
N GLY A 112 56.37 8.30 21.73
CA GLY A 112 55.63 9.32 21.03
C GLY A 112 54.25 8.77 20.71
N VAL A 113 53.28 9.67 20.59
CA VAL A 113 51.90 9.27 20.45
C VAL A 113 51.21 10.02 19.37
N THR A 114 50.53 9.25 18.53
CA THR A 114 49.82 9.79 17.38
C THR A 114 48.35 9.43 17.40
N TRP A 115 47.53 10.41 17.09
CA TRP A 115 46.07 10.20 17.01
C TRP A 115 45.66 9.90 15.63
N LEU A 116 45.12 8.72 15.45
CA LEU A 116 44.67 8.25 14.13
C LEU A 116 43.19 8.44 13.99
N ARG A 117 42.82 9.30 13.06
CA ARG A 117 41.44 9.53 12.77
C ARG A 117 41.05 8.91 11.45
N VAL A 118 39.90 8.26 11.50
CA VAL A 118 39.27 7.66 10.33
C VAL A 118 38.17 8.59 9.84
N ILE A 119 38.37 9.14 8.67
CA ILE A 119 37.34 9.97 8.07
C ILE A 119 36.54 9.15 7.06
N ALA A 120 35.27 9.48 6.95
CA ALA A 120 34.43 8.98 5.85
C ALA A 120 33.83 10.13 5.10
N GLN A 121 34.09 10.14 3.79
CA GLN A 121 33.60 11.18 2.88
C GLN A 121 32.15 10.92 2.49
N PRO A 122 31.24 11.85 2.79
CA PRO A 122 29.84 11.59 2.59
C PRO A 122 29.41 11.84 1.19
N GLU A 123 28.22 11.38 0.89
CA GLU A 123 27.63 11.56 -0.41
C GLU A 123 26.54 12.62 -0.33
N ASN A 124 26.51 13.52 -1.31
CA ASN A 124 25.63 14.71 -1.24
C ASN A 124 24.59 14.84 -2.36
N HIS A 125 23.38 15.22 -1.95
CA HIS A 125 22.24 15.42 -2.86
C HIS A 125 21.30 16.43 -2.31
N ALA A 126 20.74 17.20 -3.22
CA ALA A 126 19.72 18.18 -2.89
C ALA A 126 18.64 18.21 -3.98
N GLU A 127 17.49 18.71 -3.57
CA GLU A 127 16.32 18.89 -4.45
C GLU A 127 15.37 19.94 -3.90
N ALA A 128 14.61 20.54 -4.78
CA ALA A 128 13.46 21.36 -4.36
C ALA A 128 12.25 20.45 -4.21
N GLN A 129 11.40 20.81 -3.26
CA GLN A 129 10.05 20.25 -3.18
C GLN A 129 9.07 21.27 -3.73
N GLU A 130 8.19 20.79 -4.60
CA GLU A 130 7.16 21.65 -5.22
C GLU A 130 6.06 21.92 -4.20
N VAL A 131 5.68 23.18 -4.09
CA VAL A 131 4.72 23.61 -3.05
C VAL A 131 3.68 24.61 -3.56
N THR A 132 2.53 24.58 -2.90
CA THR A 132 1.40 25.48 -3.19
C THR A 132 1.50 26.68 -2.27
N ILE A 133 0.94 27.80 -2.70
CA ILE A 133 0.83 28.97 -1.82
C ILE A 133 0.08 28.59 -0.53
N GLY A 134 0.43 29.26 0.55
CA GLY A 134 -0.26 29.06 1.84
C GLY A 134 0.52 29.51 3.06
N PRO A 135 -0.19 29.96 4.11
CA PRO A 135 0.41 30.62 5.26
C PRO A 135 1.29 29.73 6.12
N GLN A 136 1.17 28.43 5.92
CA GLN A 136 1.93 27.46 6.71
C GLN A 136 3.32 27.28 6.12
N SER A 137 4.33 27.37 6.98
CA SER A 137 5.73 27.20 6.55
C SER A 137 6.02 25.75 6.26
N VAL A 138 6.24 25.44 4.99
CA VAL A 138 6.55 24.07 4.55
C VAL A 138 7.98 23.97 4.03
N ALA A 139 8.49 22.75 3.97
CA ALA A 139 9.81 22.49 3.34
C ALA A 139 9.69 22.68 1.84
N VAL A 140 10.47 23.62 1.31
CA VAL A 140 10.48 23.91 -0.14
C VAL A 140 11.70 23.30 -0.82
N ALA A 141 12.67 22.97 0.02
CA ALA A 141 13.93 22.32 -0.42
C ALA A 141 14.52 21.46 0.70
N ARG A 142 15.28 20.44 0.30
CA ARG A 142 16.02 19.57 1.24
C ARG A 142 17.43 19.30 0.75
N CYS A 143 18.33 19.04 1.68
CA CYS A 143 19.71 18.62 1.33
C CYS A 143 20.26 17.60 2.32
N VAL A 144 20.87 16.55 1.77
CA VAL A 144 21.27 15.40 2.58
C VAL A 144 22.72 14.98 2.32
N SER A 145 23.50 15.03 3.38
CA SER A 145 24.89 14.55 3.35
C SER A 145 24.93 13.20 4.05
N THR A 146 24.90 12.17 3.23
CA THR A 146 24.72 10.82 3.72
C THR A 146 26.06 10.18 4.04
N GLY A 147 26.08 9.47 5.16
CA GLY A 147 27.20 8.58 5.52
C GLY A 147 28.53 9.25 5.75
N GLY A 148 28.51 10.39 6.42
CA GLY A 148 29.73 11.14 6.73
C GLY A 148 30.35 10.74 8.05
N ARG A 149 31.66 10.90 8.14
CA ARG A 149 32.37 10.74 9.40
C ARG A 149 33.56 11.65 9.39
N PRO A 150 33.55 12.70 10.22
CA PRO A 150 32.48 13.02 11.14
C PRO A 150 31.25 13.54 10.42
N PRO A 151 30.16 13.77 11.15
CA PRO A 151 28.97 14.42 10.60
C PRO A 151 29.28 15.69 9.82
N ALA A 152 28.70 15.78 8.64
CA ALA A 152 28.85 16.95 7.79
C ALA A 152 28.06 18.12 8.37
N ARG A 153 28.38 19.32 7.93
CA ARG A 153 27.66 20.54 8.36
C ARG A 153 26.99 21.27 7.17
N ILE A 154 25.66 21.19 7.12
CA ILE A 154 24.89 21.83 6.04
C ILE A 154 24.36 23.18 6.46
N THR A 155 24.50 24.11 5.55
CA THR A 155 23.96 25.46 5.68
C THR A 155 23.35 25.87 4.35
N TRP A 156 22.51 26.90 4.40
CA TRP A 156 21.75 27.30 3.21
C TRP A 156 22.09 28.69 2.81
N ILE A 157 22.52 28.86 1.57
CA ILE A 157 22.73 30.21 1.02
C ILE A 157 21.53 30.53 0.14
N SER A 158 20.74 31.47 0.64
CA SER A 158 19.47 31.87 0.01
C SER A 158 19.15 33.32 0.30
N SER A 159 18.55 33.98 -0.68
CA SER A 159 18.20 35.41 -0.58
C SER A 159 16.93 35.61 0.21
N LEU A 160 16.08 34.59 0.17
CA LEU A 160 14.88 34.55 1.01
C LEU A 160 15.30 34.09 2.40
N GLY A 161 14.62 34.63 3.41
CA GLY A 161 14.96 34.40 4.83
C GLY A 161 14.20 33.27 5.48
N GLY A 162 14.27 32.11 4.85
CA GLY A 162 13.62 30.90 5.38
C GLY A 162 14.41 30.24 6.49
N GLU A 163 13.69 29.73 7.49
CA GLU A 163 14.29 28.95 8.59
C GLU A 163 14.80 27.60 8.08
N ALA A 164 15.98 27.25 8.56
CA ALA A 164 16.54 25.91 8.31
C ALA A 164 16.17 25.01 9.48
N LYS A 165 15.83 23.77 9.16
CA LYS A 165 15.76 22.68 10.16
C LYS A 165 16.56 21.46 9.69
N ASP A 166 17.31 20.90 10.61
CA ASP A 166 18.06 19.68 10.31
C ASP A 166 17.96 18.66 11.46
N THR A 167 18.42 17.46 11.16
CA THR A 167 18.48 16.39 12.14
C THR A 167 19.54 15.40 11.77
N GLN A 168 19.98 14.65 12.77
CA GLN A 168 20.97 13.59 12.57
C GLN A 168 20.25 12.33 12.14
N GLU A 169 21.05 11.30 11.89
CA GLU A 169 20.59 9.91 11.91
C GLU A 169 21.75 8.93 11.59
N PRO A 170 21.64 7.67 11.98
CA PRO A 170 22.76 6.81 11.76
C PRO A 170 22.99 6.59 10.30
N GLY A 171 24.26 6.50 9.95
CA GLY A 171 24.67 6.18 8.59
C GLY A 171 24.51 4.70 8.32
N ILE A 172 24.63 4.32 7.05
CA ILE A 172 24.57 2.89 6.69
C ILE A 172 25.77 2.20 7.33
N GLN A 173 26.90 2.88 7.26
CA GLN A 173 28.15 2.30 7.72
C GLN A 173 28.44 2.58 9.18
N ALA A 174 28.73 1.52 9.92
CA ALA A 174 29.13 1.62 11.32
C ALA A 174 29.88 2.90 11.59
N GLY A 175 29.32 3.77 12.40
CA GLY A 175 30.06 4.98 12.79
C GLY A 175 30.21 6.00 11.67
N THR A 176 29.28 5.97 10.75
CA THR A 176 28.96 7.13 9.91
C THR A 176 27.61 7.69 10.31
N VAL A 177 27.39 8.96 10.00
CA VAL A 177 26.12 9.61 10.31
C VAL A 177 25.61 10.40 9.09
N THR A 178 24.33 10.23 8.78
CA THR A 178 23.66 11.01 7.69
C THR A 178 23.05 12.26 8.29
N ILE A 179 23.31 13.38 7.65
CA ILE A 179 22.69 14.65 8.05
C ILE A 179 21.66 15.09 7.04
N ILE A 180 20.44 15.27 7.54
CA ILE A 180 19.28 15.71 6.75
C ILE A 180 18.99 17.16 7.09
N SER A 181 18.97 18.04 6.09
CA SER A 181 18.57 19.46 6.29
C SER A 181 17.46 19.91 5.37
N ARG A 182 16.39 20.39 5.99
CA ARG A 182 15.18 20.85 5.29
C ARG A 182 15.12 22.39 5.32
N TYR A 183 14.93 22.97 4.14
CA TYR A 183 14.74 24.44 4.04
C TYR A 183 13.25 24.77 3.96
N SER A 184 12.75 25.38 5.02
CA SER A 184 11.33 25.70 5.12
C SER A 184 11.11 27.19 4.98
N LEU A 185 9.95 27.52 4.42
CA LEU A 185 9.41 28.90 4.42
C LEU A 185 7.94 28.91 3.95
N VAL A 186 7.25 30.00 4.26
CA VAL A 186 5.88 30.22 3.75
C VAL A 186 5.98 30.47 2.23
N PRO A 187 5.41 29.56 1.42
CA PRO A 187 5.56 29.60 -0.03
C PRO A 187 4.87 30.79 -0.68
N VAL A 188 5.69 31.68 -1.21
CA VAL A 188 5.26 32.92 -1.88
C VAL A 188 5.55 32.89 -3.39
N GLY A 189 4.66 33.52 -4.14
CA GLY A 189 4.66 33.41 -5.61
C GLY A 189 5.86 33.96 -6.35
N ARG A 190 6.49 34.98 -5.75
CA ARG A 190 7.67 35.64 -6.37
C ARG A 190 8.90 34.73 -6.25
N ALA A 191 8.77 33.72 -5.40
CA ALA A 191 9.89 32.80 -5.10
C ALA A 191 10.17 31.82 -6.22
N ASP A 192 9.15 31.53 -7.05
CA ASP A 192 9.31 30.53 -8.13
C ASP A 192 10.57 30.76 -8.95
N GLY A 193 11.25 29.67 -9.22
CA GLY A 193 12.46 29.67 -10.04
C GLY A 193 13.74 30.14 -9.35
N VAL A 194 13.57 30.81 -8.21
CA VAL A 194 14.73 31.34 -7.46
C VAL A 194 15.66 30.21 -7.04
N LYS A 195 16.92 30.38 -7.39
CA LYS A 195 17.96 29.41 -6.99
C LYS A 195 18.23 29.55 -5.50
N VAL A 196 18.26 28.40 -4.85
CA VAL A 196 18.60 28.29 -3.44
C VAL A 196 19.65 27.18 -3.30
N THR A 197 20.77 27.54 -2.68
CA THR A 197 21.92 26.64 -2.65
C THR A 197 22.11 25.97 -1.30
N CYS A 198 22.39 24.68 -1.38
CA CYS A 198 22.84 23.87 -0.24
C CYS A 198 24.36 23.91 -0.11
N ARG A 199 24.80 24.31 1.08
CA ARG A 199 26.23 24.45 1.37
C ARG A 199 26.68 23.49 2.49
N VAL A 200 27.38 22.45 2.07
CA VAL A 200 27.81 21.35 2.98
C VAL A 200 29.33 21.30 3.16
N GLU A 201 29.76 21.44 4.41
CA GLU A 201 31.19 21.42 4.76
C GLU A 201 31.50 20.12 5.48
N HIS A 202 32.71 19.64 5.27
CA HIS A 202 33.17 18.37 5.87
C HIS A 202 34.66 18.26 5.72
N GLU A 203 35.29 17.59 6.68
CA GLU A 203 36.77 17.47 6.67
C GLU A 203 37.31 17.07 5.30
N SER A 204 36.63 16.10 4.69
CA SER A 204 37.12 15.42 3.47
C SER A 204 37.13 16.29 2.21
N PHE A 205 36.48 17.45 2.28
CA PHE A 205 36.39 18.32 1.12
C PHE A 205 37.36 19.46 1.24
N GLU A 206 37.98 19.78 0.13
CA GLU A 206 38.88 20.93 0.11
C GLU A 206 38.20 22.14 0.74
N GLU A 207 36.92 22.27 0.46
CA GLU A 207 36.15 23.45 0.88
C GLU A 207 34.69 23.03 0.94
N PRO A 208 33.79 23.97 1.22
CA PRO A 208 32.38 23.68 1.16
C PRO A 208 31.93 23.29 -0.25
N ILE A 209 31.16 22.23 -0.33
CA ILE A 209 30.48 21.82 -1.57
C ILE A 209 29.12 22.53 -1.64
N LEU A 210 28.76 22.90 -2.86
CA LEU A 210 27.50 23.62 -3.14
C LEU A 210 26.58 22.84 -4.08
N LEU A 211 25.39 22.56 -3.58
CA LEU A 211 24.35 21.93 -4.39
C LEU A 211 23.19 22.91 -4.66
N PRO A 212 23.23 23.60 -5.82
CA PRO A 212 22.19 24.57 -6.12
C PRO A 212 20.93 23.91 -6.61
N VAL A 213 19.81 24.43 -6.18
CA VAL A 213 18.50 23.96 -6.63
C VAL A 213 17.54 25.14 -6.82
N THR A 214 16.65 24.99 -7.79
CA THR A 214 15.64 26.01 -8.12
C THR A 214 14.28 25.68 -7.50
N LEU A 215 13.77 26.64 -6.73
CA LEU A 215 12.46 26.51 -6.04
C LEU A 215 11.33 26.32 -7.05
N SER A 216 10.25 25.67 -6.61
CA SER A 216 9.06 25.48 -7.47
C SER A 216 7.74 25.82 -6.77
N VAL A 217 7.16 26.96 -7.15
CA VAL A 217 5.90 27.43 -6.54
C VAL A 217 4.69 27.36 -7.47
N ARG A 218 3.54 27.14 -6.85
CA ARG A 218 2.27 27.00 -7.57
C ARG A 218 1.79 28.33 -8.15
N TYR A 219 1.16 28.26 -9.32
CA TYR A 219 0.57 29.42 -10.03
C TYR A 219 1.56 30.59 -10.24
N HIS A 220 2.54 30.34 -11.10
CA HIS A 220 3.41 31.43 -11.63
C HIS A 220 2.60 32.50 -12.31
N GLN B 1 -15.41 3.16 -2.21
CA GLN B 1 -15.42 4.64 -2.33
C GLN B 1 -16.34 5.15 -3.45
N ASP B 2 -17.24 6.03 -3.03
CA ASP B 2 -17.96 7.00 -3.90
C ASP B 2 -17.57 8.45 -3.54
N VAL B 3 -17.59 9.33 -4.52
CA VAL B 3 -17.02 10.69 -4.33
C VAL B 3 -17.92 11.61 -3.48
N ARG B 4 -19.23 11.35 -3.52
CA ARG B 4 -20.24 12.16 -2.75
C ARG B 4 -20.34 11.77 -1.28
N VAL B 5 -19.72 10.67 -0.94
CA VAL B 5 -19.50 10.33 0.47
C VAL B 5 -18.13 10.82 0.87
N ARG B 6 -18.08 11.63 1.91
CA ARG B 6 -16.80 12.12 2.41
C ARG B 6 -16.41 11.35 3.66
N VAL B 7 -15.36 10.55 3.52
CA VAL B 7 -14.75 9.89 4.69
C VAL B 7 -13.25 9.93 4.57
N LEU B 8 -12.63 9.93 5.75
CA LEU B 8 -11.17 9.93 5.88
C LEU B 8 -10.69 8.55 5.53
N PRO B 9 -9.69 8.46 4.65
CA PRO B 9 -9.37 7.15 4.16
C PRO B 9 -8.70 6.31 5.23
N GLU B 10 -8.02 6.93 6.16
CA GLU B 10 -7.34 6.15 7.22
C GLU B 10 -7.29 6.91 8.53
N VAL B 11 -7.51 6.20 9.61
CA VAL B 11 -7.67 6.84 10.91
C VAL B 11 -7.19 5.97 12.06
N ARG B 12 -6.55 6.62 13.03
CA ARG B 12 -5.66 5.92 13.96
C ARG B 12 -6.04 6.13 15.40
N GLY B 13 -6.27 5.04 16.08
CA GLY B 13 -6.56 5.10 17.49
C GLY B 13 -5.60 4.27 18.31
N ARG B 14 -5.28 4.78 19.48
CA ARG B 14 -4.42 4.05 20.38
C ARG B 14 -5.17 2.93 21.05
N LEU B 15 -4.47 1.84 21.22
CA LEU B 15 -5.05 0.68 21.85
C LEU B 15 -5.69 1.11 23.15
N GLY B 16 -6.90 0.65 23.35
CA GLY B 16 -7.66 0.97 24.59
C GLY B 16 -8.14 2.40 24.69
N GLY B 17 -7.92 3.13 23.60
CA GLY B 17 -8.31 4.55 23.50
C GLY B 17 -9.49 4.73 22.57
N THR B 18 -9.56 5.89 21.95
CA THR B 18 -10.74 6.26 21.19
C THR B 18 -10.39 6.91 19.85
N VAL B 19 -11.24 6.66 18.85
CA VAL B 19 -11.16 7.38 17.57
C VAL B 19 -12.52 7.59 16.98
N GLU B 20 -12.62 8.66 16.20
CA GLU B 20 -13.83 8.92 15.41
C GLU B 20 -13.52 8.65 13.94
N LEU B 21 -14.51 8.08 13.27
CA LEU B 21 -14.46 7.91 11.83
C LEU B 21 -15.50 8.82 11.23
N PRO B 22 -15.05 9.87 10.56
CA PRO B 22 -16.03 10.83 10.14
C PRO B 22 -16.55 10.40 8.81
N CYS B 23 -17.82 10.75 8.58
CA CYS B 23 -18.57 10.33 7.40
C CYS B 23 -19.71 11.27 7.05
N HIS B 24 -19.64 11.86 5.88
CA HIS B 24 -20.68 12.77 5.42
C HIS B 24 -21.08 12.62 4.01
N LEU B 25 -22.37 12.82 3.78
CA LEU B 25 -22.92 12.85 2.44
C LEU B 25 -22.95 14.28 1.94
N LEU B 26 -22.11 14.55 0.96
CA LEU B 26 -21.83 15.93 0.55
C LEU B 26 -23.03 16.55 -0.18
N PRO B 27 -23.22 17.85 0.03
CA PRO B 27 -24.23 18.59 -0.68
C PRO B 27 -23.78 18.80 -2.12
N PRO B 28 -24.65 19.37 -2.96
CA PRO B 28 -26.05 19.63 -2.66
C PRO B 28 -26.82 18.43 -2.17
N THR B 29 -27.83 18.75 -1.37
CA THR B 29 -28.67 17.77 -0.72
C THR B 29 -29.90 17.61 -1.61
N THR B 30 -29.75 16.71 -2.55
CA THR B 30 -30.71 16.50 -3.64
C THR B 30 -31.49 15.17 -3.53
N GLU B 31 -31.02 14.35 -2.60
CA GLU B 31 -31.58 13.03 -2.30
C GLU B 31 -32.15 13.13 -0.89
N ARG B 32 -32.99 12.18 -0.53
CA ARG B 32 -33.34 12.00 0.87
C ARG B 32 -32.57 10.83 1.40
N VAL B 33 -32.32 10.83 2.70
CA VAL B 33 -31.58 9.73 3.30
C VAL B 33 -32.51 8.78 4.02
N SER B 34 -32.35 7.51 3.69
CA SER B 34 -33.23 6.45 4.18
C SER B 34 -32.69 5.84 5.44
N GLN B 35 -31.38 5.70 5.50
CA GLN B 35 -30.68 5.10 6.66
C GLN B 35 -29.19 5.04 6.41
N VAL B 36 -28.42 4.89 7.48
CA VAL B 36 -26.95 4.77 7.38
C VAL B 36 -26.44 3.62 8.19
N THR B 37 -25.63 2.80 7.57
CA THR B 37 -24.92 1.73 8.28
C THR B 37 -23.45 1.78 8.06
N TRP B 38 -22.73 1.48 9.12
CA TRP B 38 -21.34 1.20 9.01
C TRP B 38 -21.22 -0.26 8.97
N GLN B 39 -20.46 -0.74 8.02
CA GLN B 39 -20.17 -2.17 7.93
C GLN B 39 -18.70 -2.45 7.98
N ARG B 40 -18.35 -3.59 8.54
CA ARG B 40 -17.03 -4.17 8.25
C ARG B 40 -17.06 -4.79 6.89
N LEU B 41 -15.87 -5.04 6.39
CA LEU B 41 -15.70 -5.58 5.06
C LEU B 41 -16.33 -6.95 5.00
N ASP B 42 -16.11 -7.70 6.07
CA ASP B 42 -16.57 -9.11 6.16
C ASP B 42 -18.08 -9.16 6.18
N GLY B 43 -18.67 -8.00 5.98
CA GLY B 43 -20.12 -7.83 5.85
C GLY B 43 -20.73 -7.28 7.12
N THR B 44 -20.15 -7.71 8.24
CA THR B 44 -20.76 -7.54 9.54
C THR B 44 -21.00 -6.07 9.81
N VAL B 45 -22.24 -5.78 10.18
CA VAL B 45 -22.63 -4.42 10.50
C VAL B 45 -22.24 -4.12 11.92
N VAL B 46 -21.72 -2.93 12.10
CA VAL B 46 -21.16 -2.48 13.37
C VAL B 46 -22.13 -1.55 14.10
N ALA B 47 -22.62 -0.59 13.33
CA ALA B 47 -23.62 0.41 13.76
C ALA B 47 -24.56 0.78 12.61
N ALA B 48 -25.81 1.04 12.96
CA ALA B 48 -26.82 1.40 11.99
C ALA B 48 -27.75 2.49 12.55
N PHE B 49 -27.96 3.52 11.75
CA PHE B 49 -28.90 4.60 12.13
C PHE B 49 -30.07 4.81 11.17
N HIS B 50 -31.26 4.86 11.76
CA HIS B 50 -32.52 5.07 11.01
C HIS B 50 -33.41 6.13 11.59
N PRO B 51 -33.83 7.09 10.76
CA PRO B 51 -34.56 8.28 11.18
C PRO B 51 -35.76 8.02 12.05
N SER B 52 -36.40 6.89 11.85
CA SER B 52 -37.60 6.54 12.62
C SER B 52 -37.36 5.45 13.66
N PHE B 53 -36.58 4.46 13.27
CA PHE B 53 -36.37 3.28 14.11
C PHE B 53 -35.26 3.55 15.12
N GLY B 54 -34.45 4.55 14.83
CA GLY B 54 -33.33 4.94 15.72
C GLY B 54 -31.95 4.39 15.40
N VAL B 55 -31.14 4.29 16.44
CA VAL B 55 -29.78 3.77 16.31
C VAL B 55 -29.72 2.36 16.84
N ASP B 56 -28.88 1.54 16.24
CA ASP B 56 -28.60 0.21 16.77
C ASP B 56 -27.22 -0.25 16.43
N PHE B 57 -26.59 -0.89 17.39
CA PHE B 57 -25.20 -1.40 17.25
C PHE B 57 -25.22 -2.92 17.40
N PRO B 58 -25.84 -3.60 16.46
CA PRO B 58 -26.42 -4.89 16.68
C PRO B 58 -25.42 -5.97 17.00
N ASN B 59 -24.17 -5.75 16.62
CA ASN B 59 -23.12 -6.75 16.88
C ASN B 59 -22.50 -6.74 18.30
N SER B 60 -22.44 -7.93 18.87
CA SER B 60 -22.00 -8.13 20.30
C SER B 60 -20.62 -7.58 20.58
N GLN B 61 -19.78 -7.67 19.57
CA GLN B 61 -18.39 -7.29 19.73
C GLN B 61 -18.23 -5.81 19.63
N PHE B 62 -19.24 -5.15 19.11
CA PHE B 62 -19.22 -3.69 18.92
C PHE B 62 -20.42 -3.04 19.56
N SER B 63 -20.54 -3.23 20.85
CA SER B 63 -21.70 -2.76 21.56
C SER B 63 -21.67 -1.26 21.78
N LYS B 64 -22.86 -0.72 22.06
CA LYS B 64 -23.08 0.73 22.34
C LYS B 64 -22.23 1.25 23.48
N ASP B 65 -21.96 0.38 24.42
CA ASP B 65 -21.00 0.67 25.47
C ASP B 65 -19.67 1.23 24.89
N ARG B 66 -19.43 1.00 23.62
CA ARG B 66 -18.18 1.49 23.00
C ARG B 66 -18.40 2.33 21.76
N LEU B 67 -19.43 1.98 21.03
CA LEU B 67 -19.73 2.70 19.83
C LEU B 67 -20.84 3.72 20.07
N SER B 68 -20.74 4.80 19.32
CA SER B 68 -21.67 5.92 19.39
C SER B 68 -21.60 6.73 18.11
N PHE B 69 -22.73 7.28 17.70
CA PHE B 69 -22.73 8.29 16.64
C PHE B 69 -22.54 9.64 17.31
N VAL B 70 -21.58 10.40 16.83
CA VAL B 70 -21.52 11.80 17.20
C VAL B 70 -22.68 12.47 16.50
N ARG B 71 -23.44 13.21 17.28
CA ARG B 71 -24.27 14.25 16.71
C ARG B 71 -24.08 15.47 17.57
N ALA B 72 -23.76 16.59 16.94
CA ALA B 72 -23.79 17.91 17.60
C ALA B 72 -25.18 18.54 17.49
N ARG B 73 -25.79 18.28 16.35
CA ARG B 73 -26.77 19.19 15.72
C ARG B 73 -28.23 19.01 16.21
N PRO B 74 -28.87 20.10 16.67
CA PRO B 74 -30.22 20.05 17.24
C PRO B 74 -31.33 20.05 16.21
N GLU B 75 -31.28 19.05 15.33
CA GLU B 75 -32.36 18.74 14.32
C GLU B 75 -32.21 19.51 13.00
N THR B 76 -31.06 20.15 12.81
CA THR B 76 -30.81 21.01 11.63
C THR B 76 -30.10 20.20 10.56
N ASN B 77 -29.02 19.59 11.02
CA ASN B 77 -28.34 18.52 10.28
C ASN B 77 -28.81 17.14 10.81
N ALA B 78 -29.90 17.20 11.58
CA ALA B 78 -30.68 16.01 12.01
C ALA B 78 -31.13 15.23 10.80
N ASP B 79 -31.53 15.97 9.77
CA ASP B 79 -31.47 15.40 8.44
C ASP B 79 -30.04 14.93 8.27
N LEU B 80 -29.93 13.63 8.30
CA LEU B 80 -28.66 12.97 8.63
C LEU B 80 -27.82 12.75 7.40
N ARG B 81 -26.83 13.59 7.25
CA ARG B 81 -25.80 13.33 6.23
C ARG B 81 -24.45 13.42 6.90
N ASP B 82 -24.48 13.37 8.21
CA ASP B 82 -23.29 13.09 9.00
C ASP B 82 -23.55 11.78 9.68
N ALA B 83 -22.65 10.84 9.46
CA ALA B 83 -22.75 9.50 10.04
C ALA B 83 -21.53 9.17 10.88
N THR B 84 -20.93 10.20 11.46
CA THR B 84 -19.64 10.04 12.11
C THR B 84 -19.76 9.14 13.31
N LEU B 85 -18.93 8.14 13.28
CA LEU B 85 -18.94 7.07 14.28
C LEU B 85 -17.71 7.11 15.19
N ALA B 86 -17.98 7.19 16.48
CA ALA B 86 -16.94 7.15 17.53
C ALA B 86 -16.78 5.75 18.14
N PHE B 87 -15.55 5.25 18.09
CA PHE B 87 -15.11 4.10 18.90
C PHE B 87 -14.46 4.59 20.17
N ARG B 88 -14.62 3.81 21.22
CA ARG B 88 -13.80 4.00 22.41
C ARG B 88 -13.47 2.69 23.07
N GLY B 89 -12.46 2.73 23.92
CA GLY B 89 -11.81 1.50 24.42
C GLY B 89 -11.53 0.57 23.26
N LEU B 90 -10.69 1.06 22.39
CA LEU B 90 -10.33 0.34 21.20
C LEU B 90 -9.72 -0.96 21.57
N ARG B 91 -10.03 -1.95 20.77
CA ARG B 91 -9.31 -3.20 20.91
C ARG B 91 -8.62 -3.52 19.59
N VAL B 92 -7.55 -4.31 19.71
CA VAL B 92 -6.79 -4.80 18.54
C VAL B 92 -7.69 -5.46 17.52
N GLU B 93 -8.75 -6.04 18.03
CA GLU B 93 -9.70 -6.76 17.17
C GLU B 93 -10.49 -5.80 16.28
N ASP B 94 -10.50 -4.52 16.63
CA ASP B 94 -11.25 -3.50 15.86
C ASP B 94 -10.51 -2.97 14.67
N GLU B 95 -9.21 -3.23 14.60
CA GLU B 95 -8.46 -2.82 13.42
C GLU B 95 -9.23 -3.35 12.28
N GLY B 96 -9.68 -2.47 11.42
CA GLY B 96 -10.37 -2.94 10.24
C GLY B 96 -10.65 -1.89 9.20
N ASN B 97 -11.23 -2.37 8.11
CA ASN B 97 -11.73 -1.49 7.09
C ASN B 97 -13.22 -1.34 7.21
N TYR B 98 -13.62 -0.12 7.49
CA TYR B 98 -15.03 0.15 7.63
C TYR B 98 -15.61 0.94 6.46
N THR B 99 -16.88 0.67 6.28
CA THR B 99 -17.68 1.10 5.15
C THR B 99 -18.84 1.89 5.67
N CYS B 100 -18.89 3.15 5.28
CA CYS B 100 -19.93 4.04 5.72
C CYS B 100 -20.92 4.12 4.60
N GLU B 101 -22.16 3.71 4.84
CA GLU B 101 -23.12 3.50 3.74
C GLU B 101 -24.45 4.19 3.95
N PHE B 102 -24.78 5.05 3.02
CA PHE B 102 -26.06 5.73 3.03
C PHE B 102 -26.99 5.04 2.04
N ALA B 103 -28.17 4.71 2.52
CA ALA B 103 -29.28 4.35 1.63
C ALA B 103 -29.96 5.64 1.27
N THR B 104 -29.72 6.12 0.07
CA THR B 104 -30.46 7.31 -0.36
C THR B 104 -31.64 6.86 -1.19
N PHE B 105 -32.61 7.73 -1.28
CA PHE B 105 -33.81 7.50 -2.06
C PHE B 105 -34.06 8.67 -2.94
N PRO B 106 -34.27 8.45 -4.23
CA PRO B 106 -34.32 7.23 -4.97
C PRO B 106 -33.01 6.77 -5.58
N ASN B 107 -31.90 7.43 -5.29
CA ASN B 107 -30.68 7.18 -6.12
C ASN B 107 -30.00 5.85 -5.75
N GLY B 108 -30.35 5.31 -4.59
CA GLY B 108 -29.72 4.07 -4.11
C GLY B 108 -28.65 4.33 -3.08
N THR B 109 -27.67 3.42 -3.02
CA THR B 109 -26.67 3.41 -1.93
C THR B 109 -25.34 4.00 -2.35
N ARG B 110 -24.82 4.83 -1.48
CA ARG B 110 -23.47 5.37 -1.63
C ARG B 110 -22.64 5.00 -0.41
N ARG B 111 -21.36 4.79 -0.65
CA ARG B 111 -20.50 4.01 0.25
C ARG B 111 -19.02 4.43 0.13
N GLY B 112 -18.52 4.96 1.23
CA GLY B 112 -17.10 5.30 1.37
C GLY B 112 -16.49 4.49 2.49
N VAL B 113 -15.16 4.44 2.48
CA VAL B 113 -14.40 3.42 3.20
C VAL B 113 -13.23 4.03 3.95
N THR B 114 -13.19 3.79 5.25
CA THR B 114 -12.10 4.27 6.13
C THR B 114 -11.38 3.09 6.78
N TRP B 115 -10.07 3.15 6.76
CA TRP B 115 -9.24 2.13 7.39
C TRP B 115 -8.85 2.55 8.76
N LEU B 116 -9.34 1.77 9.73
CA LEU B 116 -9.14 2.01 11.16
C LEU B 116 -7.93 1.27 11.65
N ARG B 117 -6.91 2.04 11.99
CA ARG B 117 -5.64 1.48 12.45
C ARG B 117 -5.50 1.68 13.93
N VAL B 118 -5.15 0.60 14.61
CA VAL B 118 -4.95 0.60 16.05
C VAL B 118 -3.45 0.58 16.36
N ILE B 119 -2.99 1.68 16.91
CA ILE B 119 -1.59 1.80 17.30
C ILE B 119 -1.42 1.58 18.80
N ALA B 120 -0.33 0.96 19.17
CA ALA B 120 0.10 0.89 20.56
C ALA B 120 1.44 1.57 20.66
N GLN B 121 1.53 2.56 21.52
CA GLN B 121 2.81 3.27 21.76
C GLN B 121 3.67 2.45 22.72
N PRO B 122 4.86 2.07 22.29
CA PRO B 122 5.72 1.29 23.11
C PRO B 122 6.43 2.11 24.13
N GLU B 123 6.96 1.41 25.11
CA GLU B 123 7.71 2.01 26.20
C GLU B 123 9.18 1.66 26.03
N ASN B 124 10.04 2.63 26.24
CA ASN B 124 11.44 2.47 25.89
C ASN B 124 12.43 2.58 27.03
N HIS B 125 13.44 1.74 26.99
CA HIS B 125 14.57 1.84 27.88
C HIS B 125 15.86 1.35 27.27
N ALA B 126 16.93 1.93 27.76
CA ALA B 126 18.27 1.50 27.43
C ALA B 126 19.10 1.51 28.69
N GLU B 127 19.89 0.45 28.85
CA GLU B 127 20.98 0.41 29.84
C GLU B 127 22.30 0.04 29.18
N ALA B 128 23.39 0.47 29.78
CA ALA B 128 24.71 -0.01 29.36
C ALA B 128 24.96 -1.32 30.07
N GLN B 129 25.71 -2.18 29.40
CA GLN B 129 26.25 -3.38 30.07
C GLN B 129 27.74 -3.21 30.30
N GLU B 130 28.13 -3.49 31.53
CA GLU B 130 29.49 -3.23 31.94
C GLU B 130 30.34 -4.43 31.52
N VAL B 131 31.54 -4.14 31.01
CA VAL B 131 32.48 -5.22 30.60
C VAL B 131 33.95 -4.87 30.80
N THR B 132 34.79 -5.89 30.81
CA THR B 132 36.23 -5.66 30.73
C THR B 132 36.68 -5.76 29.31
N ILE B 133 37.81 -5.12 29.02
CA ILE B 133 38.46 -5.29 27.71
C ILE B 133 38.59 -6.77 27.41
N GLY B 134 38.32 -7.15 26.16
CA GLY B 134 38.50 -8.54 25.67
C GLY B 134 38.32 -8.73 24.17
N PRO B 135 38.98 -9.73 23.58
CA PRO B 135 38.99 -9.94 22.13
C PRO B 135 37.64 -10.31 21.54
N GLN B 136 36.71 -10.65 22.39
CA GLN B 136 35.39 -11.01 21.91
C GLN B 136 34.51 -9.79 21.81
N SER B 137 33.78 -9.68 20.72
CA SER B 137 32.72 -8.68 20.65
C SER B 137 31.59 -9.09 21.54
N VAL B 138 31.35 -8.26 22.54
CA VAL B 138 30.25 -8.43 23.49
C VAL B 138 29.28 -7.27 23.47
N ALA B 139 28.11 -7.48 24.06
CA ALA B 139 27.11 -6.41 24.23
C ALA B 139 27.60 -5.40 25.23
N VAL B 140 27.71 -4.15 24.80
CA VAL B 140 28.16 -3.08 25.70
C VAL B 140 26.98 -2.20 26.12
N ALA B 141 25.95 -2.27 25.30
CA ALA B 141 24.69 -1.51 25.50
C ALA B 141 23.51 -2.27 24.90
N ARG B 142 22.35 -2.18 25.55
CA ARG B 142 21.12 -2.77 24.99
C ARG B 142 19.96 -1.81 25.08
N CYS B 143 18.99 -2.02 24.20
CA CYS B 143 17.78 -1.16 24.07
C CYS B 143 16.50 -1.95 23.88
N VAL B 144 15.45 -1.52 24.55
CA VAL B 144 14.18 -2.28 24.54
C VAL B 144 12.94 -1.40 24.37
N SER B 145 12.23 -1.65 23.29
CA SER B 145 10.94 -1.00 23.04
C SER B 145 9.85 -2.01 23.28
N THR B 146 9.28 -1.90 24.46
CA THR B 146 8.33 -2.89 24.94
C THR B 146 6.93 -2.53 24.50
N GLY B 147 6.22 -3.54 24.03
CA GLY B 147 4.74 -3.48 23.80
C GLY B 147 4.23 -2.49 22.75
N GLY B 148 4.96 -2.39 21.64
CA GLY B 148 4.58 -1.46 20.55
C GLY B 148 3.69 -2.12 19.50
N ARG B 149 2.93 -1.30 18.81
CA ARG B 149 2.15 -1.76 17.67
C ARG B 149 1.93 -0.61 16.73
N PRO B 150 2.52 -0.65 15.54
CA PRO B 150 3.31 -1.78 15.11
C PRO B 150 4.65 -1.82 15.84
N PRO B 151 5.41 -2.88 15.64
CA PRO B 151 6.72 -2.94 16.15
C PRO B 151 7.54 -1.72 15.90
N ALA B 152 8.19 -1.32 16.98
CA ALA B 152 9.08 -0.19 16.99
C ALA B 152 10.34 -0.55 16.23
N ARG B 153 11.06 0.47 15.78
CA ARG B 153 12.31 0.28 15.01
C ARG B 153 13.55 0.93 15.67
N ILE B 154 14.47 0.08 16.11
CA ILE B 154 15.64 0.55 16.88
C ILE B 154 16.92 0.58 16.09
N THR B 155 17.61 1.70 16.26
CA THR B 155 18.95 1.89 15.69
C THR B 155 19.85 2.57 16.68
N TRP B 156 21.11 2.61 16.35
CA TRP B 156 22.12 3.12 17.28
C TRP B 156 22.97 4.16 16.63
N ILE B 157 23.10 5.30 17.28
CA ILE B 157 24.09 6.29 16.88
C ILE B 157 25.29 6.17 17.78
N SER B 158 26.39 5.70 17.23
CA SER B 158 27.64 5.60 18.01
C SER B 158 28.86 5.79 17.13
N SER B 159 29.89 6.41 17.67
CA SER B 159 31.06 6.67 16.83
C SER B 159 32.08 5.55 16.87
N LEU B 160 32.02 4.65 17.86
CA LEU B 160 32.72 3.37 17.64
C LEU B 160 31.76 2.47 16.81
N GLY B 161 32.36 1.62 15.99
CA GLY B 161 31.63 0.93 14.90
C GLY B 161 31.15 -0.46 15.26
N GLY B 162 30.40 -0.53 16.34
CA GLY B 162 29.85 -1.80 16.79
C GLY B 162 28.62 -2.22 16.01
N GLU B 163 28.55 -3.51 15.70
CA GLU B 163 27.35 -4.12 15.07
C GLU B 163 26.24 -4.11 16.08
N ALA B 164 25.05 -3.77 15.62
CA ALA B 164 23.84 -4.00 16.42
C ALA B 164 23.20 -5.31 15.98
N LYS B 165 22.73 -6.08 16.95
CA LYS B 165 21.80 -7.19 16.67
C LYS B 165 20.54 -6.99 17.47
N ASP B 166 19.43 -7.37 16.88
CA ASP B 166 18.18 -7.30 17.58
C ASP B 166 17.28 -8.48 17.31
N THR B 167 16.28 -8.57 18.15
CA THR B 167 15.26 -9.56 18.04
C THR B 167 13.93 -8.93 18.32
N GLN B 168 12.91 -9.74 18.10
CA GLN B 168 11.55 -9.40 18.48
C GLN B 168 11.04 -10.42 19.46
N GLU B 169 9.86 -10.14 19.99
CA GLU B 169 9.04 -11.16 20.64
C GLU B 169 7.62 -10.64 20.82
N PRO B 170 6.62 -11.54 20.79
CA PRO B 170 5.27 -11.24 21.23
C PRO B 170 5.20 -10.44 22.52
N GLY B 171 4.37 -9.41 22.49
CA GLY B 171 4.29 -8.48 23.61
C GLY B 171 3.45 -8.99 24.75
N ILE B 172 3.52 -8.27 25.86
CA ILE B 172 2.68 -8.58 27.05
C ILE B 172 1.27 -8.83 26.57
N GLN B 173 0.94 -8.11 25.50
CA GLN B 173 -0.42 -7.78 25.14
C GLN B 173 -0.79 -8.12 23.70
N ALA B 174 -1.91 -8.82 23.54
CA ALA B 174 -2.43 -9.20 22.22
C ALA B 174 -2.13 -8.11 21.19
N GLY B 175 -1.30 -8.44 20.21
CA GLY B 175 -1.04 -7.55 19.07
C GLY B 175 0.10 -6.57 19.24
N THR B 176 0.62 -6.47 20.45
CA THR B 176 1.84 -5.68 20.67
C THR B 176 3.03 -6.57 20.40
N VAL B 177 4.15 -5.97 20.09
CA VAL B 177 5.40 -6.73 20.03
C VAL B 177 6.53 -5.93 20.68
N THR B 178 7.36 -6.66 21.42
CA THR B 178 8.50 -6.07 22.13
C THR B 178 9.80 -6.32 21.34
N ILE B 179 10.50 -5.24 21.04
CA ILE B 179 11.77 -5.28 20.31
C ILE B 179 12.93 -5.05 21.25
N ILE B 180 13.86 -6.00 21.23
CA ILE B 180 15.04 -5.97 22.10
C ILE B 180 16.31 -5.94 21.24
N SER B 181 17.06 -4.87 21.34
CA SER B 181 18.29 -4.67 20.52
C SER B 181 19.55 -4.59 21.38
N ARG B 182 20.57 -5.35 20.99
CA ARG B 182 21.88 -5.39 21.71
C ARG B 182 22.98 -4.74 20.87
N TYR B 183 23.66 -3.76 21.42
CA TYR B 183 24.78 -3.10 20.71
C TYR B 183 26.11 -3.68 21.14
N SER B 184 26.73 -4.39 20.21
CA SER B 184 27.96 -5.14 20.55
C SER B 184 29.15 -4.47 19.95
N LEU B 185 30.24 -4.52 20.67
CA LEU B 185 31.55 -4.22 20.09
C LEU B 185 32.66 -4.96 20.84
N VAL B 186 33.77 -5.21 20.18
CA VAL B 186 34.98 -5.65 20.88
C VAL B 186 35.44 -4.49 21.74
N PRO B 187 35.36 -4.64 23.07
CA PRO B 187 35.58 -3.51 23.92
C PRO B 187 37.05 -3.15 24.03
N VAL B 188 37.32 -1.97 23.53
CA VAL B 188 38.55 -1.29 23.76
C VAL B 188 38.35 -0.33 24.92
N GLY B 189 39.44 -0.03 25.60
CA GLY B 189 39.47 1.04 26.63
C GLY B 189 39.06 2.41 26.11
N ARG B 190 39.26 2.62 24.82
CA ARG B 190 38.87 3.86 24.17
C ARG B 190 37.38 4.11 24.33
N ALA B 191 36.68 3.02 24.47
CA ALA B 191 35.21 3.01 24.55
C ALA B 191 34.70 3.55 25.85
N ASP B 192 35.49 3.40 26.89
CA ASP B 192 35.02 3.74 28.24
C ASP B 192 34.45 5.15 28.30
N GLY B 193 33.31 5.29 28.94
CA GLY B 193 32.65 6.60 29.11
C GLY B 193 31.95 7.17 27.89
N VAL B 194 32.28 6.63 26.72
CA VAL B 194 31.76 7.18 25.46
C VAL B 194 30.26 7.01 25.43
N LYS B 195 29.60 8.11 25.12
CA LYS B 195 28.16 8.09 24.93
C LYS B 195 27.82 7.38 23.61
N VAL B 196 26.83 6.53 23.73
CA VAL B 196 26.25 5.82 22.60
C VAL B 196 24.74 5.92 22.73
N THR B 197 24.09 6.45 21.70
CA THR B 197 22.64 6.73 21.80
C THR B 197 21.76 5.76 21.04
N CYS B 198 20.74 5.30 21.75
CA CYS B 198 19.68 4.41 21.21
C CYS B 198 18.57 5.20 20.54
N ARG B 199 18.30 4.85 19.31
CA ARG B 199 17.37 5.60 18.48
C ARG B 199 16.19 4.74 18.05
N VAL B 200 15.05 5.04 18.67
CA VAL B 200 13.83 4.25 18.50
C VAL B 200 12.71 5.03 17.79
N GLU B 201 12.26 4.45 16.67
CA GLU B 201 11.25 5.09 15.85
C GLU B 201 9.99 4.30 15.91
N HIS B 202 8.88 5.02 15.80
CA HIS B 202 7.53 4.45 15.88
C HIS B 202 6.48 5.48 15.49
N GLU B 203 5.39 5.01 14.91
CA GLU B 203 4.31 5.92 14.46
C GLU B 203 3.96 6.99 15.48
N SER B 204 3.84 6.54 16.71
CA SER B 204 3.33 7.35 17.84
C SER B 204 4.26 8.46 18.34
N PHE B 205 5.44 8.54 17.74
CA PHE B 205 6.38 9.60 18.08
C PHE B 205 6.40 10.72 17.04
N GLU B 206 6.39 11.95 17.52
CA GLU B 206 6.51 13.09 16.61
C GLU B 206 7.86 13.06 15.91
N GLU B 207 8.91 12.89 16.70
CA GLU B 207 10.28 12.62 16.18
C GLU B 207 10.68 11.23 16.66
N PRO B 208 11.80 10.68 16.15
CA PRO B 208 12.27 9.51 16.81
C PRO B 208 12.83 9.85 18.18
N ILE B 209 12.74 8.89 19.07
CA ILE B 209 13.16 9.01 20.46
C ILE B 209 14.63 8.61 20.61
N LEU B 210 15.36 9.37 21.40
CA LEU B 210 16.79 9.10 21.62
C LEU B 210 17.10 8.84 23.09
N LEU B 211 17.68 7.67 23.33
CA LEU B 211 18.07 7.23 24.69
C LEU B 211 19.61 7.13 24.80
N PRO B 212 20.28 8.19 25.28
CA PRO B 212 21.71 8.11 25.34
C PRO B 212 22.15 7.32 26.56
N VAL B 213 23.20 6.58 26.33
CA VAL B 213 23.80 5.71 27.34
C VAL B 213 25.33 5.85 27.26
N THR B 214 25.99 5.93 28.41
CA THR B 214 27.47 5.92 28.47
C THR B 214 28.01 4.56 28.82
N LEU B 215 28.88 4.08 27.92
CA LEU B 215 29.46 2.74 27.99
C LEU B 215 30.33 2.64 29.22
N SER B 216 30.52 1.42 29.73
CA SER B 216 31.49 1.20 30.82
C SER B 216 32.44 0.03 30.55
N VAL B 217 33.69 0.36 30.18
CA VAL B 217 34.73 -0.66 29.93
C VAL B 217 35.93 -0.57 30.90
N ARG B 218 36.32 -1.73 31.41
CA ARG B 218 37.25 -1.83 32.54
C ARG B 218 38.71 -1.67 32.08
N TYR B 219 39.51 -1.15 32.99
CA TYR B 219 40.86 -0.59 32.69
C TYR B 219 40.89 0.26 31.41
N HIS B 220 40.24 1.43 31.54
CA HIS B 220 40.28 2.56 30.57
C HIS B 220 41.15 2.32 29.36
N GLN C 1 -24.98 -11.48 -3.88
CA GLN C 1 -26.10 -12.42 -4.19
C GLN C 1 -26.44 -13.25 -2.96
N ASP C 2 -27.71 -13.25 -2.62
CA ASP C 2 -28.13 -13.78 -1.32
C ASP C 2 -29.17 -14.86 -1.36
N VAL C 3 -29.05 -15.79 -0.42
CA VAL C 3 -30.10 -16.80 -0.22
C VAL C 3 -31.37 -16.13 0.37
N ARG C 4 -31.17 -15.05 1.11
CA ARG C 4 -32.30 -14.30 1.76
C ARG C 4 -33.07 -13.37 0.82
N VAL C 5 -32.53 -13.10 -0.36
CA VAL C 5 -33.30 -12.39 -1.40
C VAL C 5 -33.62 -13.35 -2.52
N ARG C 6 -34.86 -13.79 -2.56
CA ARG C 6 -35.28 -14.74 -3.59
C ARG C 6 -35.78 -13.99 -4.83
N VAL C 7 -35.15 -14.25 -5.95
CA VAL C 7 -35.60 -13.77 -7.25
C VAL C 7 -35.72 -14.92 -8.22
N LEU C 8 -36.02 -14.58 -9.46
CA LEU C 8 -35.87 -15.53 -10.55
C LEU C 8 -34.58 -15.22 -11.29
N PRO C 9 -33.74 -16.23 -11.51
CA PRO C 9 -32.46 -16.05 -12.18
C PRO C 9 -32.59 -15.43 -13.56
N GLU C 10 -33.60 -15.89 -14.29
CA GLU C 10 -33.83 -15.45 -15.66
C GLU C 10 -35.31 -15.29 -15.92
N VAL C 11 -35.69 -14.22 -16.62
CA VAL C 11 -37.10 -14.01 -16.95
C VAL C 11 -37.28 -13.41 -18.35
N ARG C 12 -38.25 -14.00 -19.05
CA ARG C 12 -38.46 -13.77 -20.49
C ARG C 12 -39.76 -13.06 -20.75
N GLY C 13 -39.70 -12.02 -21.54
CA GLY C 13 -40.90 -11.30 -21.88
C GLY C 13 -40.93 -10.89 -23.32
N ARG C 14 -42.12 -10.99 -23.88
CA ARG C 14 -42.34 -10.76 -25.30
C ARG C 14 -42.20 -9.32 -25.65
N LEU C 15 -41.53 -9.04 -26.74
CA LEU C 15 -41.40 -7.65 -27.14
C LEU C 15 -42.78 -7.06 -27.18
N GLY C 16 -42.89 -5.87 -26.66
CA GLY C 16 -44.16 -5.11 -26.66
C GLY C 16 -45.21 -5.68 -25.74
N GLY C 17 -44.78 -6.63 -24.93
CA GLY C 17 -45.64 -7.31 -23.99
C GLY C 17 -45.35 -6.89 -22.57
N THR C 18 -45.65 -7.78 -21.65
CA THR C 18 -45.55 -7.47 -20.20
C THR C 18 -44.83 -8.59 -19.45
N VAL C 19 -44.14 -8.19 -18.40
CA VAL C 19 -43.54 -9.15 -17.49
C VAL C 19 -43.51 -8.65 -16.09
N GLU C 20 -43.43 -9.60 -15.19
CA GLU C 20 -43.15 -9.29 -13.82
C GLU C 20 -41.79 -9.87 -13.47
N LEU C 21 -40.98 -9.02 -12.86
CA LEU C 21 -39.70 -9.42 -12.27
C LEU C 21 -39.98 -9.63 -10.78
N PRO C 22 -39.92 -10.88 -10.32
CA PRO C 22 -40.29 -11.07 -8.96
C PRO C 22 -39.07 -10.93 -8.09
N CYS C 23 -39.31 -10.50 -6.86
CA CYS C 23 -38.23 -10.24 -5.90
C CYS C 23 -38.75 -10.18 -4.47
N HIS C 24 -38.22 -11.04 -3.62
CA HIS C 24 -38.69 -11.14 -2.24
C HIS C 24 -37.60 -11.13 -1.22
N LEU C 25 -37.81 -10.35 -0.18
CA LEU C 25 -37.03 -10.47 1.05
C LEU C 25 -37.58 -11.63 1.84
N LEU C 26 -36.77 -12.64 1.99
CA LEU C 26 -37.29 -13.93 2.34
C LEU C 26 -37.48 -14.03 3.84
N PRO C 27 -38.58 -14.68 4.27
CA PRO C 27 -38.82 -14.86 5.69
C PRO C 27 -37.90 -15.95 6.23
N PRO C 28 -37.95 -16.18 7.54
CA PRO C 28 -38.69 -15.35 8.44
C PRO C 28 -38.43 -13.87 8.31
N THR C 29 -39.51 -13.12 8.49
CA THR C 29 -39.45 -11.65 8.58
C THR C 29 -38.94 -11.26 9.96
N THR C 30 -37.69 -10.84 10.01
CA THR C 30 -36.99 -10.60 11.28
C THR C 30 -36.50 -9.16 11.49
N GLU C 31 -36.42 -8.44 10.40
CA GLU C 31 -35.78 -7.13 10.35
C GLU C 31 -36.58 -6.25 9.41
N ARG C 32 -36.54 -4.94 9.60
CA ARG C 32 -37.44 -4.06 8.85
C ARG C 32 -36.83 -3.65 7.53
N VAL C 33 -37.67 -3.26 6.60
CA VAL C 33 -37.19 -2.72 5.32
C VAL C 33 -37.25 -1.23 5.32
N SER C 34 -36.15 -0.62 4.94
CA SER C 34 -36.03 0.84 4.95
C SER C 34 -36.41 1.40 3.60
N GLN C 35 -36.07 0.67 2.55
CA GLN C 35 -36.43 1.03 1.15
C GLN C 35 -35.90 0.01 0.13
N VAL C 36 -36.57 -0.06 -1.00
CA VAL C 36 -36.24 -1.03 -2.04
C VAL C 36 -35.90 -0.30 -3.30
N THR C 37 -34.83 -0.72 -3.95
CA THR C 37 -34.42 -0.14 -5.23
C THR C 37 -34.04 -1.16 -6.25
N TRP C 38 -34.54 -0.94 -7.44
CA TRP C 38 -34.22 -1.72 -8.61
C TRP C 38 -33.29 -0.93 -9.47
N GLN C 39 -32.06 -1.38 -9.56
CA GLN C 39 -31.10 -0.73 -10.42
C GLN C 39 -30.77 -1.61 -11.59
N ARG C 40 -30.25 -1.00 -12.60
CA ARG C 40 -29.58 -1.78 -13.61
C ARG C 40 -28.20 -2.15 -13.14
N LEU C 41 -27.60 -3.06 -13.87
CA LEU C 41 -26.19 -3.39 -13.68
C LEU C 41 -25.32 -2.18 -13.99
N ASP C 42 -25.66 -1.48 -15.07
CA ASP C 42 -24.95 -0.26 -15.48
C ASP C 42 -25.10 0.84 -14.44
N GLY C 43 -25.83 0.52 -13.37
CA GLY C 43 -25.92 1.39 -12.19
C GLY C 43 -27.25 2.13 -12.10
N THR C 44 -27.71 2.61 -13.26
CA THR C 44 -28.90 3.47 -13.33
C THR C 44 -30.07 2.80 -12.64
N VAL C 45 -30.68 3.54 -11.73
CA VAL C 45 -31.84 3.07 -10.99
C VAL C 45 -33.06 3.18 -11.86
N VAL C 46 -33.83 2.10 -11.83
CA VAL C 46 -34.97 1.91 -12.73
C VAL C 46 -36.27 2.26 -12.01
N ALA C 47 -36.39 1.76 -10.78
CA ALA C 47 -37.52 2.08 -9.88
C ALA C 47 -37.13 1.93 -8.40
N ALA C 48 -37.88 2.62 -7.56
CA ALA C 48 -37.55 2.65 -6.15
C ALA C 48 -38.76 2.94 -5.28
N PHE C 49 -38.86 2.19 -4.20
CA PHE C 49 -39.94 2.38 -3.25
C PHE C 49 -39.48 2.68 -1.84
N HIS C 50 -40.09 3.71 -1.26
CA HIS C 50 -39.88 4.10 0.16
C HIS C 50 -41.16 4.25 0.93
N PRO C 51 -41.26 3.59 2.07
CA PRO C 51 -42.42 3.55 2.92
C PRO C 51 -43.08 4.89 3.22
N SER C 52 -42.26 5.93 3.29
CA SER C 52 -42.76 7.29 3.60
C SER C 52 -42.87 8.16 2.38
N PHE C 53 -41.84 8.08 1.57
CA PHE C 53 -41.67 9.00 0.44
C PHE C 53 -42.39 8.46 -0.76
N GLY C 54 -42.68 7.18 -0.70
CA GLY C 54 -43.43 6.52 -1.78
C GLY C 54 -42.59 5.91 -2.89
N VAL C 55 -43.12 6.01 -4.09
CA VAL C 55 -42.53 5.34 -5.23
C VAL C 55 -42.01 6.36 -6.22
N ASP C 56 -40.89 6.02 -6.83
CA ASP C 56 -40.33 6.87 -7.87
C ASP C 56 -39.75 6.04 -8.96
N PHE C 57 -39.95 6.51 -10.18
CA PHE C 57 -39.43 5.81 -11.39
C PHE C 57 -38.53 6.76 -12.18
N PRO C 58 -37.43 7.13 -11.56
CA PRO C 58 -36.66 8.35 -11.82
C PRO C 58 -36.12 8.45 -13.22
N ASN C 59 -35.92 7.30 -13.83
CA ASN C 59 -35.33 7.24 -15.18
C ASN C 59 -36.35 7.34 -16.34
N SER C 60 -36.02 8.21 -17.26
CA SER C 60 -36.89 8.53 -18.42
C SER C 60 -37.15 7.31 -19.27
N GLN C 61 -36.21 6.39 -19.29
CA GLN C 61 -36.31 5.20 -20.15
C GLN C 61 -37.24 4.20 -19.54
N PHE C 62 -37.45 4.36 -18.26
CA PHE C 62 -38.24 3.40 -17.49
C PHE C 62 -39.30 4.12 -16.71
N SER C 63 -40.16 4.77 -17.44
CA SER C 63 -41.16 5.66 -16.86
C SER C 63 -42.27 4.90 -16.11
N LYS C 64 -42.88 5.62 -15.16
CA LYS C 64 -44.20 5.29 -14.56
C LYS C 64 -45.21 4.73 -15.54
N ASP C 65 -45.07 5.15 -16.78
CA ASP C 65 -45.96 4.73 -17.91
C ASP C 65 -45.97 3.21 -18.03
N ARG C 66 -44.80 2.64 -17.79
CA ARG C 66 -44.56 1.23 -18.16
C ARG C 66 -44.19 0.38 -16.97
N LEU C 67 -43.55 1.01 -16.02
CA LEU C 67 -43.14 0.31 -14.83
C LEU C 67 -44.07 0.60 -13.67
N SER C 68 -44.05 -0.34 -12.74
CA SER C 68 -44.83 -0.26 -11.51
C SER C 68 -44.49 -1.40 -10.57
N PHE C 69 -44.69 -1.14 -9.30
CA PHE C 69 -44.61 -2.21 -8.30
C PHE C 69 -45.98 -2.80 -8.12
N VAL C 70 -46.00 -4.12 -8.18
CA VAL C 70 -47.06 -4.88 -7.57
C VAL C 70 -46.83 -4.76 -6.09
N ARG C 71 -47.92 -4.50 -5.37
CA ARG C 71 -47.86 -4.31 -3.89
C ARG C 71 -47.05 -3.12 -3.33
N ALA C 72 -47.70 -1.97 -3.34
CA ALA C 72 -47.17 -0.76 -2.64
C ALA C 72 -48.26 0.30 -2.36
N ARG C 73 -48.76 0.27 -1.14
CA ARG C 73 -49.66 1.31 -0.63
C ARG C 73 -49.10 1.86 0.69
N PRO C 74 -49.51 3.08 1.09
CA PRO C 74 -48.79 3.72 2.18
C PRO C 74 -48.98 2.97 3.50
N GLU C 75 -50.23 2.72 3.86
CA GLU C 75 -50.55 2.08 5.15
C GLU C 75 -50.56 0.54 5.06
N THR C 76 -50.63 0.05 3.83
CA THR C 76 -50.66 -1.39 3.53
C THR C 76 -49.64 -1.69 2.40
N ASN C 77 -48.37 -1.82 2.76
CA ASN C 77 -47.97 -2.18 4.14
C ASN C 77 -46.52 -1.86 4.50
N ALA C 78 -46.27 -1.89 5.81
CA ALA C 78 -44.91 -1.81 6.41
C ALA C 78 -44.08 -3.00 5.92
N ASP C 79 -44.77 -4.13 5.79
CA ASP C 79 -44.20 -5.33 5.20
C ASP C 79 -44.16 -5.15 3.70
N LEU C 80 -43.24 -4.31 3.25
CA LEU C 80 -42.89 -4.27 1.83
C LEU C 80 -41.78 -5.26 1.57
N ARG C 81 -42.16 -6.50 1.60
CA ARG C 81 -41.20 -7.59 1.50
C ARG C 81 -41.13 -8.09 0.08
N ASP C 82 -42.20 -7.82 -0.64
CA ASP C 82 -42.31 -8.16 -2.07
C ASP C 82 -42.06 -6.92 -2.94
N ALA C 83 -40.99 -7.00 -3.69
CA ALA C 83 -40.50 -5.89 -4.50
C ALA C 83 -40.69 -6.23 -5.93
N THR C 84 -41.70 -7.03 -6.22
CA THR C 84 -41.86 -7.53 -7.58
C THR C 84 -42.20 -6.41 -8.52
N LEU C 85 -41.43 -6.32 -9.59
CA LEU C 85 -41.47 -5.17 -10.49
C LEU C 85 -42.03 -5.52 -11.85
N ALA C 86 -43.11 -4.84 -12.20
CA ALA C 86 -43.83 -5.16 -13.45
C ALA C 86 -43.59 -4.18 -14.59
N PHE C 87 -43.12 -4.75 -15.70
CA PHE C 87 -42.91 -4.07 -17.01
C PHE C 87 -44.12 -4.25 -17.91
N ARG C 88 -44.37 -3.25 -18.72
CA ARG C 88 -45.35 -3.38 -19.82
C ARG C 88 -44.90 -2.59 -21.04
N GLY C 89 -45.36 -3.01 -22.21
CA GLY C 89 -44.78 -2.50 -23.44
C GLY C 89 -43.27 -2.65 -23.39
N LEU C 90 -42.88 -3.92 -23.28
CA LEU C 90 -41.46 -4.26 -23.24
C LEU C 90 -40.79 -3.74 -24.44
N ARG C 91 -39.59 -3.28 -24.23
CA ARG C 91 -38.71 -2.86 -25.31
C ARG C 91 -37.45 -3.69 -25.35
N VAL C 92 -36.90 -3.82 -26.55
CA VAL C 92 -35.54 -4.37 -26.74
C VAL C 92 -34.53 -3.64 -25.84
N GLU C 93 -34.83 -2.39 -25.54
CA GLU C 93 -34.01 -1.51 -24.65
C GLU C 93 -33.88 -2.07 -23.27
N ASP C 94 -34.89 -2.83 -22.90
CA ASP C 94 -35.03 -3.29 -21.51
C ASP C 94 -34.33 -4.59 -21.23
N GLU C 95 -33.91 -5.29 -22.25
CA GLU C 95 -33.07 -6.46 -22.01
C GLU C 95 -31.97 -5.96 -21.10
N GLY C 96 -31.92 -6.50 -19.90
CA GLY C 96 -30.94 -6.05 -18.89
C GLY C 96 -30.79 -7.00 -17.73
N ASN C 97 -29.76 -6.76 -16.92
CA ASN C 97 -29.58 -7.48 -15.68
C ASN C 97 -29.96 -6.59 -14.53
N TYR C 98 -31.13 -6.87 -14.00
CA TYR C 98 -31.72 -6.01 -13.00
C TYR C 98 -31.40 -6.51 -11.62
N THR C 99 -31.10 -5.57 -10.77
CA THR C 99 -30.75 -5.83 -9.39
C THR C 99 -31.85 -5.36 -8.48
N CYS C 100 -32.23 -6.24 -7.60
CA CYS C 100 -33.23 -5.91 -6.64
C CYS C 100 -32.55 -5.77 -5.32
N GLU C 101 -32.69 -4.61 -4.72
CA GLU C 101 -31.90 -4.28 -3.51
C GLU C 101 -32.78 -3.83 -2.35
N PHE C 102 -32.61 -4.50 -1.26
CA PHE C 102 -33.31 -4.16 -0.03
C PHE C 102 -32.37 -3.49 0.95
N ALA C 103 -32.75 -2.31 1.38
CA ALA C 103 -32.09 -1.66 2.50
C ALA C 103 -32.82 -2.11 3.74
N THR C 104 -32.26 -3.06 4.48
CA THR C 104 -32.90 -3.45 5.72
C THR C 104 -32.20 -2.72 6.86
N PHE C 105 -32.91 -2.69 7.96
CA PHE C 105 -32.39 -2.21 9.22
C PHE C 105 -32.49 -3.34 10.22
N PRO C 106 -31.51 -3.46 11.10
CA PRO C 106 -30.23 -2.79 11.12
C PRO C 106 -29.18 -3.58 10.37
N ASN C 107 -29.48 -4.83 10.07
CA ASN C 107 -28.44 -5.77 9.60
C ASN C 107 -28.10 -5.58 8.10
N GLY C 108 -28.56 -4.48 7.50
CA GLY C 108 -27.98 -4.00 6.24
C GLY C 108 -28.74 -4.25 4.94
N THR C 109 -28.03 -4.23 3.83
CA THR C 109 -28.67 -4.33 2.52
C THR C 109 -28.47 -5.68 1.88
N ARG C 110 -29.52 -6.23 1.32
CA ARG C 110 -29.46 -7.51 0.63
C ARG C 110 -29.91 -7.33 -0.81
N ARG C 111 -29.37 -8.16 -1.68
CA ARG C 111 -29.78 -8.10 -3.07
C ARG C 111 -29.69 -9.41 -3.85
N GLY C 112 -30.40 -9.35 -4.96
CA GLY C 112 -30.48 -10.42 -5.92
C GLY C 112 -30.67 -9.85 -7.31
N VAL C 113 -30.50 -10.73 -8.27
CA VAL C 113 -30.25 -10.30 -9.63
C VAL C 113 -30.99 -11.18 -10.61
N THR C 114 -31.84 -10.56 -11.42
CA THR C 114 -32.55 -11.27 -12.49
C THR C 114 -32.16 -10.72 -13.86
N TRP C 115 -31.94 -11.65 -14.77
CA TRP C 115 -31.66 -11.32 -16.16
C TRP C 115 -32.95 -11.30 -16.92
N LEU C 116 -33.29 -10.11 -17.39
CA LEU C 116 -34.52 -9.89 -18.19
C LEU C 116 -34.18 -10.05 -19.66
N ARG C 117 -34.76 -11.09 -20.25
CA ARG C 117 -34.62 -11.38 -21.67
C ARG C 117 -35.90 -10.95 -22.40
N VAL C 118 -35.73 -10.12 -23.42
CA VAL C 118 -36.84 -9.70 -24.28
C VAL C 118 -36.88 -10.64 -25.47
N ILE C 119 -37.90 -11.47 -25.55
CA ILE C 119 -37.96 -12.48 -26.59
C ILE C 119 -39.08 -12.16 -27.58
N ALA C 120 -38.78 -12.33 -28.86
CA ALA C 120 -39.74 -12.05 -29.93
C ALA C 120 -39.94 -13.27 -30.81
N GLN C 121 -41.19 -13.66 -30.96
CA GLN C 121 -41.55 -14.88 -31.70
C GLN C 121 -41.66 -14.60 -33.19
N PRO C 122 -40.88 -15.32 -34.00
CA PRO C 122 -40.90 -15.11 -35.42
C PRO C 122 -42.07 -15.81 -36.07
N GLU C 123 -42.30 -15.45 -37.32
CA GLU C 123 -43.24 -16.19 -38.18
C GLU C 123 -42.49 -16.93 -39.29
N ASN C 124 -43.08 -18.04 -39.72
CA ASN C 124 -42.37 -18.96 -40.63
C ASN C 124 -43.10 -19.33 -41.93
N HIS C 125 -42.30 -19.54 -42.97
CA HIS C 125 -42.77 -20.02 -44.28
C HIS C 125 -41.79 -20.95 -44.93
N ALA C 126 -42.32 -21.90 -45.67
CA ALA C 126 -41.49 -22.82 -46.42
C ALA C 126 -42.27 -23.26 -47.64
N GLU C 127 -41.61 -23.26 -48.79
CA GLU C 127 -42.25 -23.76 -50.03
C GLU C 127 -41.32 -24.72 -50.74
N ALA C 128 -41.93 -25.55 -51.58
CA ALA C 128 -41.19 -26.41 -52.49
C ALA C 128 -40.89 -25.63 -53.77
N GLN C 129 -39.74 -25.91 -54.36
CA GLN C 129 -39.44 -25.47 -55.72
C GLN C 129 -39.22 -26.66 -56.62
N GLU C 130 -39.89 -26.62 -57.76
CA GLU C 130 -39.66 -27.61 -58.82
C GLU C 130 -38.32 -27.29 -59.47
N VAL C 131 -37.54 -28.35 -59.70
CA VAL C 131 -36.22 -28.22 -60.32
C VAL C 131 -36.06 -29.22 -61.48
N THR C 132 -35.28 -28.82 -62.48
CA THR C 132 -34.93 -29.73 -63.56
C THR C 132 -33.67 -30.46 -63.13
N ILE C 133 -33.56 -31.73 -63.52
CA ILE C 133 -32.30 -32.47 -63.37
C ILE C 133 -31.16 -31.66 -64.00
N GLY C 134 -29.97 -31.74 -63.41
CA GLY C 134 -28.83 -30.94 -63.92
C GLY C 134 -27.60 -30.87 -63.01
N PRO C 135 -26.42 -30.65 -63.61
CA PRO C 135 -25.14 -30.78 -62.91
C PRO C 135 -24.91 -29.70 -61.86
N GLN C 136 -25.71 -28.66 -61.93
CA GLN C 136 -25.62 -27.52 -60.99
C GLN C 136 -26.36 -27.86 -59.72
N SER C 137 -25.72 -27.72 -58.57
CA SER C 137 -26.45 -27.91 -57.29
C SER C 137 -27.33 -26.70 -57.04
N VAL C 138 -28.63 -26.96 -57.06
CA VAL C 138 -29.63 -25.89 -56.89
C VAL C 138 -30.51 -26.11 -55.66
N ALA C 139 -31.16 -25.04 -55.22
CA ALA C 139 -32.16 -25.11 -54.15
C ALA C 139 -33.38 -25.89 -54.66
N VAL C 140 -33.70 -26.95 -53.94
CA VAL C 140 -34.92 -27.75 -54.23
C VAL C 140 -36.05 -27.39 -53.25
N ALA C 141 -35.63 -26.73 -52.18
CA ALA C 141 -36.54 -26.19 -51.17
C ALA C 141 -35.92 -24.99 -50.43
N ARG C 142 -36.78 -24.13 -49.92
CA ARG C 142 -36.36 -22.97 -49.09
C ARG C 142 -37.30 -22.79 -47.88
N CYS C 143 -36.76 -22.10 -46.86
CA CYS C 143 -37.44 -21.92 -45.55
C CYS C 143 -37.01 -20.65 -44.78
N VAL C 144 -37.99 -19.93 -44.28
CA VAL C 144 -37.74 -18.60 -43.67
C VAL C 144 -38.44 -18.37 -42.33
N SER C 145 -37.65 -17.99 -41.33
CA SER C 145 -38.15 -17.60 -40.00
C SER C 145 -37.90 -16.10 -39.72
N THR C 146 -38.96 -15.34 -39.86
CA THR C 146 -38.86 -13.89 -39.97
C THR C 146 -39.07 -13.21 -38.64
N GLY C 147 -38.20 -12.24 -38.36
CA GLY C 147 -38.35 -11.32 -37.22
C GLY C 147 -38.27 -11.97 -35.85
N GLY C 148 -37.36 -12.91 -35.72
CA GLY C 148 -37.16 -13.63 -34.44
C GLY C 148 -36.17 -12.92 -33.53
N ARG C 149 -36.36 -13.11 -32.23
CA ARG C 149 -35.40 -12.64 -31.21
C ARG C 149 -35.42 -13.63 -30.05
N PRO C 150 -34.33 -14.41 -29.89
CA PRO C 150 -33.18 -14.41 -30.78
C PRO C 150 -33.48 -15.12 -32.11
N PRO C 151 -32.50 -15.14 -33.01
CA PRO C 151 -32.66 -15.86 -34.26
C PRO C 151 -33.08 -17.29 -34.05
N ALA C 152 -34.01 -17.72 -34.86
CA ALA C 152 -34.46 -19.12 -34.88
C ALA C 152 -33.33 -19.96 -35.41
N ARG C 153 -33.30 -21.22 -35.02
CA ARG C 153 -32.32 -22.19 -35.57
C ARG C 153 -33.00 -23.19 -36.50
N ILE C 154 -32.73 -23.04 -37.79
CA ILE C 154 -33.31 -23.91 -38.82
C ILE C 154 -32.38 -25.08 -39.13
N THR C 155 -32.99 -26.24 -39.24
CA THR C 155 -32.35 -27.45 -39.71
C THR C 155 -33.29 -28.16 -40.68
N TRP C 156 -32.76 -29.14 -41.39
CA TRP C 156 -33.57 -29.92 -42.33
C TRP C 156 -33.54 -31.38 -42.02
N ILE C 157 -34.72 -31.97 -42.00
CA ILE C 157 -34.85 -33.41 -41.85
C ILE C 157 -35.19 -34.00 -43.21
N SER C 158 -34.21 -34.70 -43.78
CA SER C 158 -34.35 -35.30 -45.11
C SER C 158 -33.50 -36.55 -45.26
N SER C 159 -34.04 -37.51 -46.01
CA SER C 159 -33.38 -38.81 -46.23
C SER C 159 -32.28 -38.71 -47.27
N LEU C 160 -32.45 -37.77 -48.20
CA LEU C 160 -31.40 -37.39 -49.15
C LEU C 160 -30.41 -36.50 -48.43
N GLY C 161 -29.13 -36.64 -48.78
CA GLY C 161 -28.04 -35.91 -48.10
C GLY C 161 -27.62 -34.64 -48.82
N GLY C 162 -28.59 -33.80 -49.11
CA GLY C 162 -28.33 -32.51 -49.77
C GLY C 162 -27.80 -31.48 -48.78
N GLU C 163 -26.84 -30.69 -49.24
CA GLU C 163 -26.24 -29.66 -48.38
C GLU C 163 -27.26 -28.55 -48.10
N ALA C 164 -27.49 -28.30 -46.80
CA ALA C 164 -28.38 -27.22 -46.37
C ALA C 164 -27.53 -25.98 -46.10
N LYS C 165 -28.11 -24.83 -46.44
CA LYS C 165 -27.36 -23.57 -46.50
C LYS C 165 -28.21 -22.41 -46.01
N ASP C 166 -27.66 -21.61 -45.10
CA ASP C 166 -28.41 -20.50 -44.49
C ASP C 166 -27.55 -19.27 -44.21
N THR C 167 -28.25 -18.21 -43.83
CA THR C 167 -27.63 -17.00 -43.26
C THR C 167 -28.65 -16.27 -42.41
N GLN C 168 -28.19 -15.20 -41.79
CA GLN C 168 -29.06 -14.29 -41.04
C GLN C 168 -29.18 -12.99 -41.79
N GLU C 169 -30.02 -12.11 -41.25
CA GLU C 169 -30.17 -10.74 -41.73
C GLU C 169 -31.06 -9.95 -40.77
N PRO C 170 -30.81 -8.65 -40.61
CA PRO C 170 -31.73 -7.76 -39.92
C PRO C 170 -33.23 -7.96 -40.30
N GLY C 171 -34.07 -8.04 -39.26
CA GLY C 171 -35.53 -8.14 -39.40
C GLY C 171 -36.26 -6.82 -39.29
N ILE C 172 -37.58 -6.86 -39.48
CA ILE C 172 -38.43 -5.65 -39.57
C ILE C 172 -38.29 -4.73 -38.36
N GLN C 173 -38.50 -5.32 -37.19
CA GLN C 173 -38.56 -4.56 -35.91
C GLN C 173 -37.28 -4.58 -35.11
N ALA C 174 -37.04 -3.43 -34.49
CA ALA C 174 -35.74 -3.14 -33.87
C ALA C 174 -35.14 -4.36 -33.19
N GLY C 175 -34.04 -4.84 -33.73
CA GLY C 175 -33.28 -5.92 -33.09
C GLY C 175 -33.77 -7.34 -33.34
N THR C 176 -34.86 -7.47 -34.08
CA THR C 176 -35.31 -8.80 -34.52
C THR C 176 -34.53 -9.15 -35.77
N VAL C 177 -34.36 -10.43 -36.01
CA VAL C 177 -33.53 -10.89 -37.14
C VAL C 177 -34.17 -12.08 -37.87
N THR C 178 -34.05 -12.05 -39.19
CA THR C 178 -34.66 -13.08 -40.04
C THR C 178 -33.64 -14.10 -40.47
N ILE C 179 -34.00 -15.37 -40.35
CA ILE C 179 -33.15 -16.44 -40.90
C ILE C 179 -33.80 -17.10 -42.11
N ILE C 180 -33.07 -17.03 -43.22
CA ILE C 180 -33.45 -17.73 -44.46
C ILE C 180 -32.53 -18.91 -44.67
N SER C 181 -33.15 -20.03 -44.99
CA SER C 181 -32.42 -21.29 -45.21
C SER C 181 -32.84 -22.03 -46.50
N ARG C 182 -31.84 -22.33 -47.30
CA ARG C 182 -32.03 -22.99 -48.63
C ARG C 182 -31.54 -24.45 -48.59
N TYR C 183 -32.40 -25.38 -48.99
CA TYR C 183 -31.98 -26.80 -49.10
C TYR C 183 -31.59 -27.13 -50.54
N SER C 184 -30.31 -27.34 -50.72
CA SER C 184 -29.75 -27.55 -52.06
C SER C 184 -29.32 -28.98 -52.25
N LEU C 185 -29.36 -29.39 -53.51
CA LEU C 185 -28.71 -30.63 -53.96
C LEU C 185 -28.64 -30.67 -55.50
N VAL C 186 -27.71 -31.45 -56.03
CA VAL C 186 -27.69 -31.74 -57.47
C VAL C 186 -28.94 -32.58 -57.76
N PRO C 187 -29.92 -32.01 -58.49
CA PRO C 187 -31.26 -32.58 -58.59
C PRO C 187 -31.32 -33.90 -59.36
N VAL C 188 -31.64 -34.94 -58.61
CA VAL C 188 -31.71 -36.32 -59.14
C VAL C 188 -33.17 -36.78 -59.26
N GLY C 189 -33.38 -37.71 -60.18
CA GLY C 189 -34.72 -38.27 -60.46
C GLY C 189 -35.39 -38.97 -59.28
N ARG C 190 -34.58 -39.54 -58.40
CA ARG C 190 -35.10 -40.25 -57.22
C ARG C 190 -35.67 -39.27 -56.18
N ALA C 191 -35.33 -38.00 -56.36
CA ALA C 191 -35.74 -36.93 -55.43
C ALA C 191 -37.24 -36.60 -55.54
N ASP C 192 -37.79 -36.82 -56.72
CA ASP C 192 -39.22 -36.52 -57.02
C ASP C 192 -40.15 -37.02 -55.90
N GLY C 193 -41.00 -36.13 -55.43
CA GLY C 193 -42.02 -36.49 -54.42
C GLY C 193 -41.54 -36.67 -52.99
N VAL C 194 -40.21 -36.79 -52.84
CA VAL C 194 -39.62 -37.06 -51.51
C VAL C 194 -39.94 -35.94 -50.54
N LYS C 195 -40.45 -36.35 -49.39
CA LYS C 195 -40.77 -35.41 -48.30
C LYS C 195 -39.47 -34.89 -47.68
N VAL C 196 -39.40 -33.57 -47.55
CA VAL C 196 -38.28 -32.91 -46.86
C VAL C 196 -38.84 -31.89 -45.89
N THR C 197 -38.53 -32.07 -44.62
CA THR C 197 -39.12 -31.21 -43.56
C THR C 197 -38.16 -30.15 -43.05
N CYS C 198 -38.67 -28.93 -43.00
CA CYS C 198 -37.95 -27.76 -42.44
C CYS C 198 -38.18 -27.70 -40.92
N ARG C 199 -37.08 -27.70 -40.19
CA ARG C 199 -37.11 -27.81 -38.73
C ARG C 199 -36.54 -26.59 -38.03
N VAL C 200 -37.43 -25.78 -37.47
CA VAL C 200 -37.03 -24.51 -36.80
C VAL C 200 -37.22 -24.60 -35.29
N GLU C 201 -36.13 -24.33 -34.58
CA GLU C 201 -36.11 -24.36 -33.12
C GLU C 201 -36.00 -22.94 -32.62
N HIS C 202 -36.76 -22.62 -31.58
CA HIS C 202 -36.76 -21.28 -31.01
C HIS C 202 -37.34 -21.30 -29.63
N GLU C 203 -36.82 -20.43 -28.77
CA GLU C 203 -37.23 -20.39 -27.35
C GLU C 203 -38.74 -20.39 -27.20
N SER C 204 -39.37 -19.58 -28.03
CA SER C 204 -40.81 -19.27 -27.91
C SER C 204 -41.76 -20.42 -28.22
N PHE C 205 -41.20 -21.48 -28.78
CA PHE C 205 -42.01 -22.62 -29.22
C PHE C 205 -42.09 -23.71 -28.17
N GLU C 206 -43.28 -24.27 -28.04
CA GLU C 206 -43.53 -25.43 -27.14
C GLU C 206 -42.74 -26.63 -27.64
N GLU C 207 -43.07 -27.03 -28.85
CA GLU C 207 -42.30 -28.04 -29.61
C GLU C 207 -41.57 -27.25 -30.69
N PRO C 208 -40.32 -27.63 -31.03
CA PRO C 208 -39.76 -27.17 -32.29
C PRO C 208 -40.65 -27.51 -33.50
N ILE C 209 -40.72 -26.56 -34.42
CA ILE C 209 -41.72 -26.60 -35.49
C ILE C 209 -41.19 -27.27 -36.75
N LEU C 210 -42.03 -28.10 -37.36
CA LEU C 210 -41.70 -28.78 -38.64
C LEU C 210 -42.64 -28.32 -39.76
N LEU C 211 -42.03 -27.80 -40.81
CA LEU C 211 -42.76 -27.46 -42.06
C LEU C 211 -42.39 -28.44 -43.18
N PRO C 212 -43.22 -29.49 -43.38
CA PRO C 212 -42.91 -30.49 -44.40
C PRO C 212 -43.20 -29.98 -45.78
N VAL C 213 -42.29 -30.28 -46.68
CA VAL C 213 -42.37 -29.84 -48.08
C VAL C 213 -41.95 -30.96 -49.02
N THR C 214 -42.61 -31.01 -50.15
CA THR C 214 -42.43 -32.11 -51.10
C THR C 214 -41.62 -31.69 -52.33
N LEU C 215 -40.56 -32.42 -52.59
CA LEU C 215 -39.70 -32.15 -53.75
C LEU C 215 -40.40 -32.50 -55.07
N SER C 216 -39.80 -32.04 -56.15
CA SER C 216 -40.36 -32.22 -57.51
C SER C 216 -39.29 -32.03 -58.61
N VAL C 217 -38.97 -33.12 -59.29
CA VAL C 217 -37.98 -33.07 -60.41
C VAL C 217 -38.62 -33.31 -61.79
N ARG C 218 -38.08 -32.60 -62.79
CA ARG C 218 -38.70 -32.47 -64.17
C ARG C 218 -38.87 -33.79 -64.95
N TYR C 219 -37.76 -34.49 -65.14
CA TYR C 219 -37.81 -35.87 -65.67
C TYR C 219 -37.34 -36.83 -64.58
#